data_5CZK
#
_entry.id   5CZK
#
_cell.length_a   169.140
_cell.length_b   76.098
_cell.length_c   125.831
_cell.angle_alpha   90.00
_cell.angle_beta   125.30
_cell.angle_gamma   90.00
#
_symmetry.space_group_name_H-M   'C 1 2 1'
#
loop_
_entity.id
_entity.type
_entity.pdbx_description
1 polymer Beta-glucuronidase
2 non-polymer 1-[(6,8-dimethyl-2-oxo-1,2-dihydroquinolin-3-yl)methyl]-1-(2-hydroxyethyl)-3-(4-hydroxyphenyl)thiourea
3 water water
#
_entity_poly.entity_id   1
_entity_poly.type   'polypeptide(L)'
_entity_poly.pdbx_seq_one_letter_code
;SH(MSE)LRPVETPTREIKKLDGLWAFSLDRENCGIDQRWWESALQESRAIAVPGSFNDQFADADIRNYAGNVWYQREVF
IPKGWAGQRIVLRFDAVTHYGKVWVNNQEV(MSE)EHQGGYTPFEADVTPYVIAGKSVRITVCVNNELNWQTIPPG
(MSE)VITDENGKKKQSYFHDFFNYAGIHRSV(MSE)LYTTPNTWVDDITVVTHVAQDCNHASVDWQVVANGDVSVELRD
ADQQVVATGQGTSGTLQVVNPHLWQPGEGYLYELCVTAKSQTECDIYPLRVGIRSVAVKGEQFLINHKPFYFTGFGRHED
ADLRGKGFDNVL(MSE)VHDHAL(MSE)DWIGANSYRTSHYPYAEE(MSE)LDWADEHGIVVIDETAAVGFNLSLGIGFE
AGNKPKELYSEEAVNGETQQAHLQAIKELIARDKNHPSVV(MSE)WSIANEPDTRPQGAREYFAPLAEATRKLDPTRPIT
CVNV(MSE)FCDAHTDTISDLFDVLCLNRYYGWYVQSGDLETAEKVLEKELLAWQEKLHQPIIITEYGVDTLAGLHS
(MSE)YTD(MSE)WSEEYQCAWLD(MSE)YHRVFDRVSAVVGEQVWNFADFATSQGILRVGGNKKGIFTRDRKPKSAAFL
LQKRWTG(MSE)NFGEKPQQGGKQ
;
_entity_poly.pdbx_strand_id   A,B
#
loop_
_chem_comp.id
_chem_comp.type
_chem_comp.name
_chem_comp.formula
57Z non-polymer 1-[(6,8-dimethyl-2-oxo-1,2-dihydroquinolin-3-yl)methyl]-1-(2-hydroxyethyl)-3-(4-hydroxyphenyl)thiourea 'C21 H23 N3 O3 S'
#
# COMPACT_ATOMS: atom_id res chain seq x y z
N SER A 1 3.97 -18.02 25.46
CA SER A 1 3.18 -16.83 25.61
C SER A 1 1.93 -17.02 24.79
N HIS A 2 0.78 -16.80 25.40
CA HIS A 2 -0.47 -16.97 24.72
C HIS A 2 -0.60 -15.84 23.74
N MSE A 3 -1.01 -16.15 22.53
CA MSE A 3 -1.41 -15.13 21.61
C MSE A 3 -2.59 -15.51 20.80
O MSE A 3 -2.65 -16.57 20.15
CB MSE A 3 -0.28 -14.65 20.72
CG MSE A 3 -0.28 -13.16 20.97
SE MSE A 3 1.47 -12.41 20.60
CE MSE A 3 2.07 -11.86 22.37
N LEU A 4 -3.55 -14.60 20.78
CA LEU A 4 -4.73 -14.77 20.00
C LEU A 4 -4.72 -13.55 19.15
N ARG A 5 -5.23 -13.66 17.95
CA ARG A 5 -5.31 -12.53 17.08
C ARG A 5 -6.51 -11.69 17.45
N PRO A 6 -6.34 -10.38 17.45
CA PRO A 6 -7.42 -9.45 17.80
C PRO A 6 -8.62 -9.47 16.84
N VAL A 7 -9.81 -9.47 17.39
CA VAL A 7 -11.01 -9.43 16.62
C VAL A 7 -11.86 -8.47 17.41
N GLU A 8 -13.02 -8.06 16.91
CA GLU A 8 -13.80 -7.06 17.63
C GLU A 8 -15.13 -7.56 18.23
N THR A 9 -15.51 -7.08 19.44
CA THR A 9 -16.86 -7.24 20.08
C THR A 9 -17.02 -6.94 21.58
N PRO A 10 -16.42 -7.85 22.49
CA PRO A 10 -16.14 -7.26 23.79
C PRO A 10 -14.80 -6.58 23.73
N THR A 11 -14.18 -6.59 22.56
CA THR A 11 -12.88 -6.02 22.39
C THR A 11 -12.83 -5.06 21.28
N ARG A 12 -11.86 -4.18 21.39
CA ARG A 12 -11.77 -3.12 20.39
C ARG A 12 -10.35 -2.78 20.01
N GLU A 13 -10.17 -2.46 18.72
CA GLU A 13 -8.86 -2.21 18.15
C GLU A 13 -8.77 -0.81 17.54
N ILE A 14 -7.74 -0.07 17.90
CA ILE A 14 -7.43 1.13 17.15
C ILE A 14 -6.10 0.91 16.44
N LYS A 15 -6.19 0.80 15.12
CA LYS A 15 -5.02 0.57 14.30
C LYS A 15 -4.13 1.80 14.35
N LYS A 16 -2.83 1.59 14.52
CA LYS A 16 -1.90 2.70 14.52
C LYS A 16 -1.06 2.73 13.25
N LEU A 17 -1.58 2.08 12.25
CA LEU A 17 -0.91 1.92 11.01
C LEU A 17 -0.86 3.23 10.35
N ASP A 18 -1.53 4.28 10.86
CA ASP A 18 -1.54 5.58 10.21
C ASP A 18 -0.07 5.92 10.05
N GLY A 19 0.31 5.78 8.82
CA GLY A 19 1.58 5.27 8.49
C GLY A 19 2.58 6.18 9.02
N LEU A 20 2.37 7.47 8.88
CA LEU A 20 3.48 8.35 9.03
C LEU A 20 3.92 8.27 10.46
N TRP A 21 5.22 8.11 10.67
CA TRP A 21 5.83 8.05 11.97
C TRP A 21 7.05 8.87 11.85
N ALA A 22 7.56 9.38 12.94
CA ALA A 22 8.85 10.05 12.92
C ALA A 22 9.89 8.95 12.79
N PHE A 23 10.97 9.21 12.04
CA PHE A 23 11.98 8.20 11.79
C PHE A 23 13.38 8.78 11.81
N SER A 24 14.30 8.06 12.45
CA SER A 24 15.67 8.53 12.56
C SER A 24 16.68 7.39 12.50
N LEU A 25 17.86 7.68 11.97
CA LEU A 25 18.98 6.75 12.05
C LEU A 25 19.76 7.04 13.32
N ASP A 26 20.45 6.03 13.83
CA ASP A 26 21.28 6.20 15.02
C ASP A 26 22.67 5.70 14.71
N ARG A 27 23.39 6.46 13.89
CA ARG A 27 24.67 6.03 13.38
C ARG A 27 25.73 6.00 14.48
N GLU A 28 25.50 6.72 15.56
CA GLU A 28 26.51 6.73 16.59
C GLU A 28 26.11 5.86 17.77
N ASN A 29 24.95 5.21 17.64
CA ASN A 29 24.41 4.34 18.69
C ASN A 29 24.38 5.06 20.03
N CYS A 30 24.01 6.34 19.97
CA CYS A 30 23.92 7.18 21.14
C CYS A 30 22.48 7.30 21.62
N GLY A 31 21.56 6.71 20.85
CA GLY A 31 20.14 6.86 21.10
C GLY A 31 19.67 6.35 22.44
N ILE A 32 20.24 5.24 22.88
CA ILE A 32 19.91 4.64 24.17
C ILE A 32 20.51 5.45 25.32
N ASP A 33 21.73 5.94 25.12
CA ASP A 33 22.41 6.74 26.15
C ASP A 33 21.75 8.09 26.37
N GLN A 34 21.26 8.69 25.29
CA GLN A 34 20.61 9.99 25.36
C GLN A 34 19.11 9.87 25.56
N ARG A 35 18.65 8.64 25.79
CA ARG A 35 17.23 8.35 25.99
C ARG A 35 16.33 9.10 25.01
N TRP A 36 16.44 8.76 23.74
CA TRP A 36 15.69 9.43 22.68
C TRP A 36 14.17 9.28 22.83
N TRP A 37 13.75 8.30 23.61
CA TRP A 37 12.32 8.03 23.79
C TRP A 37 11.66 9.07 24.69
N GLU A 38 12.46 9.92 25.32
CA GLU A 38 11.92 10.87 26.30
C GLU A 38 11.34 12.11 25.63
N SER A 39 11.92 12.51 24.52
CA SER A 39 11.44 13.67 23.78
C SER A 39 11.08 13.30 22.35
N ALA A 40 10.84 14.30 21.52
CA ALA A 40 10.62 14.08 20.10
C ALA A 40 11.95 13.76 19.42
N LEU A 41 11.93 12.79 18.50
CA LEU A 41 13.14 12.43 17.75
C LEU A 41 13.74 13.64 17.06
N GLN A 42 15.04 13.83 17.25
CA GLN A 42 15.74 14.97 16.65
C GLN A 42 16.08 14.66 15.20
N GLU A 43 15.93 15.66 14.33
CA GLU A 43 16.29 15.54 12.92
C GLU A 43 15.67 14.31 12.27
N SER A 44 14.37 14.12 12.51
CA SER A 44 13.64 12.98 11.97
C SER A 44 13.02 13.29 10.62
N ARG A 45 12.45 12.26 9.99
CA ARG A 45 11.73 12.43 8.73
C ARG A 45 10.53 11.49 8.69
N ALA A 46 9.60 11.76 7.80
CA ALA A 46 8.40 10.96 7.68
C ALA A 46 8.69 9.59 7.08
N ILE A 47 8.14 8.56 7.69
CA ILE A 47 8.26 7.20 7.18
C ILE A 47 6.90 6.53 7.27
N ALA A 48 6.67 5.52 6.43
CA ALA A 48 5.38 4.85 6.42
C ALA A 48 5.48 3.49 7.10
N VAL A 49 4.55 3.20 8.01
CA VAL A 49 4.43 1.85 8.54
C VAL A 49 2.98 1.36 8.40
N PRO A 50 2.81 0.10 7.97
CA PRO A 50 3.88 -0.90 7.75
C PRO A 50 4.70 -0.68 6.49
N GLY A 51 5.91 -1.22 6.49
CA GLY A 51 6.84 -1.11 5.38
C GLY A 51 8.27 -1.22 5.85
N SER A 52 9.15 -1.76 5.00
CA SER A 52 10.59 -1.73 5.28
C SER A 52 11.04 -0.28 5.24
N PHE A 53 12.08 0.06 5.98
CA PHE A 53 12.59 1.42 5.88
C PHE A 53 13.57 1.56 4.73
N ASN A 54 14.03 0.43 4.20
CA ASN A 54 15.18 0.43 3.29
C ASN A 54 14.97 1.17 1.97
N ASP A 55 13.86 0.93 1.30
CA ASP A 55 13.65 1.47 -0.04
C ASP A 55 12.68 2.65 -0.10
N GLN A 56 12.28 3.15 1.06
CA GLN A 56 11.30 4.22 1.09
C GLN A 56 11.89 5.56 0.67
N PHE A 57 13.22 5.68 0.68
CA PHE A 57 13.87 6.99 0.57
C PHE A 57 14.81 7.19 -0.60
N ALA A 58 14.88 6.22 -1.52
CA ALA A 58 15.79 6.29 -2.67
C ALA A 58 17.23 6.57 -2.27
N ASP A 59 17.64 6.05 -1.11
CA ASP A 59 18.95 6.38 -0.53
C ASP A 59 19.71 5.09 -0.23
N ALA A 60 20.86 4.94 -0.88
CA ALA A 60 21.66 3.72 -0.73
C ALA A 60 22.27 3.61 0.67
N ASP A 61 22.61 4.74 1.26
CA ASP A 61 23.26 4.76 2.58
C ASP A 61 22.28 4.33 3.67
N ILE A 62 21.00 4.51 3.42
CA ILE A 62 19.97 4.07 4.35
C ILE A 62 19.59 2.62 4.07
N ARG A 63 19.61 2.24 2.78
CA ARG A 63 19.25 0.89 2.40
C ARG A 63 20.20 -0.14 2.99
N ASN A 64 21.48 0.18 2.96
CA ASN A 64 22.50 -0.75 3.42
C ASN A 64 22.95 -0.50 4.86
N TYR A 65 22.09 0.19 5.61
CA TYR A 65 22.41 0.53 6.99
C TYR A 65 22.29 -0.69 7.90
N ALA A 66 23.18 -0.78 8.87
CA ALA A 66 23.15 -1.83 9.87
C ALA A 66 23.31 -1.22 11.26
N GLY A 67 22.35 -1.47 12.15
CA GLY A 67 22.39 -0.90 13.48
C GLY A 67 21.00 -0.56 13.97
N ASN A 68 20.90 0.51 14.75
CA ASN A 68 19.62 0.93 15.32
C ASN A 68 18.96 2.05 14.53
N VAL A 69 17.65 1.92 14.30
CA VAL A 69 16.84 3.01 13.77
C VAL A 69 15.68 3.29 14.73
N TRP A 70 15.15 4.50 14.69
CA TRP A 70 14.12 4.88 15.66
C TRP A 70 12.80 5.30 15.01
N TYR A 71 11.71 4.70 15.49
CA TYR A 71 10.36 5.10 15.08
C TYR A 71 9.67 5.83 16.22
N GLN A 72 8.89 6.86 15.89
CA GLN A 72 8.15 7.58 16.94
C GLN A 72 6.85 8.21 16.45
N ARG A 73 5.84 8.17 17.32
CA ARG A 73 4.48 8.60 17.01
C ARG A 73 3.63 8.84 18.26
N GLU A 74 2.80 9.87 18.22
CA GLU A 74 1.83 10.14 19.29
C GLU A 74 0.45 9.61 18.90
N VAL A 75 -0.32 9.18 19.90
CA VAL A 75 -1.63 8.60 19.62
C VAL A 75 -2.57 8.81 20.82
N PHE A 76 -3.85 8.90 20.55
CA PHE A 76 -4.82 9.12 21.56
C PHE A 76 -5.42 7.84 22.04
N ILE A 77 -5.57 7.72 23.33
CA ILE A 77 -6.40 6.66 23.85
C ILE A 77 -7.84 7.11 23.86
N PRO A 78 -8.71 6.24 23.19
CA PRO A 78 -10.13 6.62 23.31
C PRO A 78 -10.68 6.80 24.72
N LYS A 79 -11.60 7.73 24.93
CA LYS A 79 -12.04 8.09 26.26
C LYS A 79 -12.61 6.86 26.90
N GLY A 80 -13.30 6.10 26.09
CA GLY A 80 -14.21 5.06 26.52
C GLY A 80 -13.51 3.79 26.91
N TRP A 81 -12.21 3.82 26.75
CA TRP A 81 -11.34 2.74 27.14
C TRP A 81 -11.15 2.51 28.61
N ALA A 82 -11.20 3.58 29.38
CA ALA A 82 -10.88 3.52 30.78
C ALA A 82 -11.77 2.48 31.41
N GLY A 83 -11.18 1.71 32.30
CA GLY A 83 -11.82 0.55 32.87
C GLY A 83 -11.57 -0.74 32.13
N GLN A 84 -10.85 -0.64 31.04
CA GLN A 84 -10.58 -1.83 30.23
C GLN A 84 -9.11 -2.18 30.27
N ARG A 85 -8.80 -3.42 29.89
CA ARG A 85 -7.42 -3.84 29.74
C ARG A 85 -6.94 -3.38 28.37
N ILE A 86 -5.86 -2.61 28.34
CA ILE A 86 -5.40 -2.02 27.09
C ILE A 86 -4.05 -2.60 26.67
N VAL A 87 -4.03 -3.26 25.51
CA VAL A 87 -2.82 -3.91 25.03
C VAL A 87 -2.26 -3.21 23.79
N LEU A 88 -0.93 -3.02 23.79
CA LEU A 88 -0.22 -2.48 22.63
C LEU A 88 0.52 -3.62 21.92
N ARG A 89 0.17 -3.86 20.67
CA ARG A 89 0.69 -5.01 19.92
C ARG A 89 1.37 -4.63 18.61
N PHE A 90 2.51 -5.26 18.36
CA PHE A 90 3.20 -5.16 17.08
C PHE A 90 3.14 -6.52 16.39
N ASP A 91 2.49 -6.60 15.23
CA ASP A 91 2.40 -7.86 14.52
C ASP A 91 3.78 -8.36 14.07
N ALA A 92 4.70 -7.43 13.81
CA ALA A 92 6.08 -7.77 13.46
C ALA A 92 7.00 -6.55 13.42
N VAL A 93 8.10 -6.63 14.14
CA VAL A 93 9.19 -5.67 14.01
C VAL A 93 10.43 -6.46 13.63
N THR A 94 10.99 -6.18 12.47
CA THR A 94 11.90 -7.14 11.87
C THR A 94 13.28 -7.17 12.49
N HIS A 95 13.54 -8.36 13.03
CA HIS A 95 14.66 -8.73 13.87
C HIS A 95 14.40 -8.22 15.28
N TYR A 96 14.78 -7.00 15.61
CA TYR A 96 14.66 -6.59 17.01
C TYR A 96 13.89 -5.28 17.21
N GLY A 97 13.06 -5.26 18.24
CA GLY A 97 12.34 -4.06 18.63
C GLY A 97 12.25 -3.89 20.14
N LYS A 98 12.38 -2.65 20.59
CA LYS A 98 12.16 -2.28 21.98
C LYS A 98 11.21 -1.10 22.02
N VAL A 99 10.20 -1.16 22.89
CA VAL A 99 9.13 -0.16 22.86
C VAL A 99 8.99 0.63 24.15
N TRP A 100 8.83 1.95 24.00
CA TRP A 100 8.55 2.84 25.11
C TRP A 100 7.20 3.53 24.98
N VAL A 101 6.39 3.47 26.04
CA VAL A 101 5.21 4.31 26.16
C VAL A 101 5.57 5.51 27.01
N ASN A 102 5.62 6.67 26.35
CA ASN A 102 6.11 7.82 27.06
C ASN A 102 7.51 7.39 27.43
N ASN A 103 7.74 7.38 28.73
CA ASN A 103 9.05 7.08 29.31
C ASN A 103 9.13 5.69 29.93
N GLN A 104 8.09 4.89 29.76
CA GLN A 104 8.06 3.56 30.34
C GLN A 104 8.37 2.48 29.31
N GLU A 105 9.46 1.76 29.51
CA GLU A 105 9.78 0.61 28.67
C GLU A 105 8.74 -0.49 28.95
N VAL A 106 8.07 -0.94 27.91
CA VAL A 106 6.92 -1.84 28.10
C VAL A 106 7.12 -3.22 27.48
N MSE A 107 7.93 -3.31 26.44
CA MSE A 107 8.17 -4.61 25.82
C MSE A 107 9.44 -4.66 24.99
O MSE A 107 10.05 -3.63 24.69
CB MSE A 107 6.99 -5.01 24.93
CG MSE A 107 6.84 -4.20 23.67
SE MSE A 107 5.11 -4.56 22.83
CE MSE A 107 4.06 -3.21 23.76
N GLU A 108 9.82 -5.88 24.63
CA GLU A 108 11.05 -6.15 23.92
C GLU A 108 10.87 -7.43 23.14
N HIS A 109 11.46 -7.53 21.97
CA HIS A 109 11.31 -8.76 21.20
C HIS A 109 12.45 -8.98 20.22
N GLN A 110 12.86 -10.24 20.11
CA GLN A 110 13.82 -10.68 19.12
C GLN A 110 13.16 -11.75 18.26
N GLY A 111 13.25 -11.58 16.95
CA GLY A 111 12.47 -12.38 16.01
C GLY A 111 11.63 -11.44 15.17
N GLY A 112 11.84 -11.47 13.85
CA GLY A 112 11.33 -10.40 13.02
C GLY A 112 10.03 -10.61 12.28
N TYR A 113 9.37 -11.73 12.57
CA TYR A 113 8.22 -12.12 11.76
C TYR A 113 7.02 -12.63 12.57
N THR A 114 7.03 -12.40 13.87
CA THR A 114 5.94 -12.82 14.75
C THR A 114 5.54 -11.70 15.71
N PRO A 115 4.27 -11.69 16.16
CA PRO A 115 3.78 -10.60 17.01
C PRO A 115 4.35 -10.62 18.42
N PHE A 116 4.30 -9.46 19.08
CA PHE A 116 4.61 -9.35 20.50
C PHE A 116 3.81 -8.20 21.08
N GLU A 117 3.29 -8.38 22.30
CA GLU A 117 2.41 -7.39 22.89
C GLU A 117 2.62 -7.28 24.40
N ALA A 118 2.19 -6.16 24.97
CA ALA A 118 2.28 -5.94 26.41
C ALA A 118 1.07 -5.18 26.93
N ASP A 119 0.57 -5.60 28.08
CA ASP A 119 -0.47 -4.88 28.80
C ASP A 119 0.08 -3.51 29.19
N VAL A 120 -0.51 -2.45 28.64
CA VAL A 120 -0.02 -1.09 28.91
C VAL A 120 -1.03 -0.24 29.68
N THR A 121 -2.04 -0.90 30.24
CA THR A 121 -3.08 -0.21 31.02
C THR A 121 -2.55 0.75 32.10
N PRO A 122 -1.54 0.34 32.89
CA PRO A 122 -1.11 1.27 33.95
C PRO A 122 -0.33 2.49 33.45
N TYR A 123 0.03 2.51 32.16
CA TYR A 123 0.89 3.58 31.65
C TYR A 123 0.19 4.53 30.71
N VAL A 124 -1.10 4.31 30.51
CA VAL A 124 -1.87 5.21 29.68
C VAL A 124 -3.11 5.71 30.42
N ILE A 125 -3.50 6.95 30.10
CA ILE A 125 -4.75 7.50 30.58
C ILE A 125 -5.62 7.65 29.37
N ALA A 126 -6.73 6.94 29.36
CA ALA A 126 -7.60 6.89 28.19
C ALA A 126 -8.05 8.29 27.88
N GLY A 127 -8.03 8.70 26.61
CA GLY A 127 -8.49 10.05 26.31
C GLY A 127 -7.40 11.10 26.28
N LYS A 128 -6.16 10.67 26.51
CA LYS A 128 -5.03 11.59 26.43
C LYS A 128 -4.18 11.10 25.27
N SER A 129 -3.18 11.88 24.89
CA SER A 129 -2.32 11.49 23.79
C SER A 129 -1.05 10.93 24.40
N VAL A 130 -0.55 9.83 23.86
CA VAL A 130 0.65 9.23 24.42
C VAL A 130 1.72 9.04 23.35
N ARG A 131 2.97 9.26 23.75
CA ARG A 131 4.11 9.12 22.85
C ARG A 131 4.62 7.69 22.81
N ILE A 132 4.76 7.13 21.61
CA ILE A 132 5.26 5.78 21.46
C ILE A 132 6.54 5.74 20.63
N THR A 133 7.59 5.20 21.24
CA THR A 133 8.90 5.17 20.62
C THR A 133 9.38 3.72 20.46
N VAL A 134 9.89 3.40 19.28
CA VAL A 134 10.36 2.05 19.01
C VAL A 134 11.80 2.06 18.50
N CYS A 135 12.68 1.36 19.22
CA CYS A 135 14.04 1.17 18.74
C CYS A 135 14.12 -0.14 17.97
N VAL A 136 14.46 -0.05 16.69
CA VAL A 136 14.49 -1.21 15.81
C VAL A 136 15.93 -1.53 15.39
N ASN A 137 16.33 -2.78 15.57
CA ASN A 137 17.68 -3.23 15.22
C ASN A 137 17.64 -4.31 14.16
N ASN A 138 18.56 -4.25 13.20
CA ASN A 138 18.51 -5.18 12.07
C ASN A 138 19.73 -6.07 11.97
N GLU A 139 20.52 -6.11 13.04
CA GLU A 139 21.74 -6.91 13.06
C GLU A 139 21.44 -8.38 13.30
N LEU A 140 22.20 -9.24 12.64
CA LEU A 140 22.08 -10.68 12.79
C LEU A 140 23.40 -11.26 13.30
N ASN A 141 23.31 -12.25 14.18
CA ASN A 141 24.50 -12.96 14.64
C ASN A 141 24.19 -14.45 14.67
N TRP A 142 25.09 -15.23 15.25
CA TRP A 142 24.90 -16.68 15.25
C TRP A 142 23.77 -17.17 16.15
N GLN A 143 23.17 -16.26 16.92
CA GLN A 143 22.06 -16.62 17.79
C GLN A 143 20.72 -16.07 17.27
N THR A 144 20.75 -15.26 16.22
CA THR A 144 19.51 -14.79 15.63
C THR A 144 18.95 -15.82 14.66
N ILE A 145 17.64 -15.78 14.47
CA ILE A 145 16.96 -16.59 13.46
C ILE A 145 16.33 -15.63 12.46
N PRO A 146 16.93 -15.49 11.27
CA PRO A 146 18.07 -16.26 10.76
C PRO A 146 19.42 -15.77 11.29
N PRO A 147 20.45 -16.61 11.17
CA PRO A 147 21.79 -16.20 11.58
C PRO A 147 22.45 -15.35 10.51
N GLY A 148 23.51 -14.66 10.92
CA GLY A 148 24.35 -13.89 10.02
C GLY A 148 25.57 -13.56 10.84
N MSE A 149 26.45 -12.74 10.30
CA MSE A 149 27.53 -12.21 11.12
C MSE A 149 27.86 -10.79 10.68
O MSE A 149 27.88 -10.48 9.48
CB MSE A 149 28.77 -13.11 11.08
CG MSE A 149 29.48 -13.28 9.74
SE MSE A 149 30.94 -14.64 9.86
CE MSE A 149 30.02 -16.27 9.39
N VAL A 150 28.06 -9.94 11.66
CA VAL A 150 28.30 -8.52 11.45
C VAL A 150 29.79 -8.26 11.34
N ILE A 151 30.19 -7.51 10.32
CA ILE A 151 31.61 -7.24 10.12
C ILE A 151 31.88 -5.75 10.25
N THR A 152 32.72 -5.42 11.19
CA THR A 152 33.03 -4.05 11.46
C THR A 152 34.41 -3.77 11.00
N ASP A 153 34.54 -2.82 10.11
CA ASP A 153 35.80 -2.56 9.51
C ASP A 153 36.60 -1.76 10.50
N GLU A 154 37.76 -1.33 10.07
CA GLU A 154 38.69 -0.64 10.94
C GLU A 154 38.06 0.61 11.47
N ASN A 155 37.23 1.25 10.65
CA ASN A 155 36.66 2.51 11.02
C ASN A 155 35.51 2.41 11.95
N GLY A 156 35.13 1.19 12.30
CA GLY A 156 34.03 0.98 13.18
C GLY A 156 32.71 0.90 12.46
N LYS A 157 32.73 0.90 11.13
CA LYS A 157 31.49 0.80 10.39
C LYS A 157 30.99 -0.62 10.20
N LYS A 158 29.78 -0.83 10.69
CA LYS A 158 29.12 -2.09 10.56
C LYS A 158 28.62 -2.36 9.16
N LYS A 159 28.69 -3.62 8.81
CA LYS A 159 28.18 -4.16 7.56
C LYS A 159 27.71 -5.57 7.75
N GLN A 160 26.46 -5.82 7.36
CA GLN A 160 25.84 -7.09 7.62
C GLN A 160 26.10 -8.10 6.51
N SER A 161 26.58 -9.27 6.90
CA SER A 161 26.71 -10.38 5.98
C SER A 161 25.84 -11.51 6.50
N TYR A 162 25.26 -12.28 5.58
CA TYR A 162 24.36 -13.35 5.94
C TYR A 162 24.39 -14.41 4.84
N PHE A 163 23.59 -15.45 4.98
CA PHE A 163 23.77 -16.63 4.15
C PHE A 163 22.53 -17.02 3.37
N HIS A 164 21.47 -16.23 3.48
CA HIS A 164 20.28 -16.51 2.67
C HIS A 164 20.25 -15.60 1.45
N ASP A 165 19.37 -15.92 0.52
CA ASP A 165 19.35 -15.28 -0.80
C ASP A 165 18.66 -13.91 -0.80
N PHE A 166 17.58 -13.75 -0.04
CA PHE A 166 16.82 -12.52 -0.07
C PHE A 166 17.47 -11.41 0.74
N PHE A 167 17.16 -10.17 0.35
CA PHE A 167 17.74 -8.99 0.97
C PHE A 167 17.25 -8.81 2.41
N ASN A 168 18.14 -8.33 3.28
CA ASN A 168 17.86 -8.21 4.72
C ASN A 168 17.05 -6.96 5.04
N TYR A 169 15.83 -6.89 4.50
CA TYR A 169 14.91 -5.79 4.79
C TYR A 169 14.55 -5.76 6.27
N ALA A 170 14.39 -4.56 6.82
CA ALA A 170 14.05 -4.43 8.23
C ALA A 170 13.12 -3.24 8.44
N GLY A 171 12.58 -3.14 9.65
CA GLY A 171 11.65 -2.09 10.02
C GLY A 171 10.36 -2.68 10.55
N ILE A 172 9.35 -1.83 10.73
CA ILE A 172 8.04 -2.31 11.17
C ILE A 172 7.25 -2.76 9.95
N HIS A 173 7.36 -4.04 9.62
CA HIS A 173 6.83 -4.60 8.39
C HIS A 173 5.34 -4.83 8.43
N ARG A 174 4.78 -4.86 9.64
CA ARG A 174 3.39 -5.24 9.77
C ARG A 174 2.64 -4.34 10.74
N SER A 175 1.35 -4.63 10.91
CA SER A 175 0.46 -3.75 11.66
C SER A 175 0.86 -3.49 13.11
N VAL A 176 0.70 -2.24 13.52
CA VAL A 176 0.83 -1.83 14.91
C VAL A 176 -0.53 -1.40 15.44
N MSE A 177 -0.90 -1.89 16.61
CA MSE A 177 -2.24 -1.60 17.11
C MSE A 177 -2.36 -1.59 18.63
O MSE A 177 -1.62 -2.28 19.33
CB MSE A 177 -3.22 -2.59 16.53
CG MSE A 177 -3.01 -3.99 17.07
SE MSE A 177 -3.96 -5.33 16.07
CE MSE A 177 -2.61 -5.66 14.71
N LEU A 178 -3.31 -0.80 19.09
CA LEU A 178 -3.75 -0.84 20.46
C LEU A 178 -5.08 -1.57 20.47
N TYR A 179 -5.23 -2.56 21.35
CA TYR A 179 -6.53 -3.19 21.47
C TYR A 179 -6.95 -3.36 22.93
N THR A 180 -8.24 -3.53 23.13
CA THR A 180 -8.85 -3.50 24.45
C THR A 180 -9.53 -4.82 24.77
N THR A 181 -9.60 -5.17 26.04
CA THR A 181 -10.33 -6.36 26.45
C THR A 181 -10.90 -6.13 27.86
N PRO A 182 -11.93 -6.89 28.25
CA PRO A 182 -12.37 -6.80 29.64
C PRO A 182 -11.32 -7.39 30.56
N ASN A 183 -11.36 -7.05 31.84
CA ASN A 183 -10.39 -7.59 32.79
C ASN A 183 -10.52 -9.09 32.93
N THR A 184 -11.66 -9.63 32.48
CA THR A 184 -11.80 -11.06 32.26
C THR A 184 -11.77 -11.32 30.75
N TRP A 185 -10.80 -12.09 30.27
CA TRP A 185 -10.65 -12.27 28.83
C TRP A 185 -10.09 -13.64 28.45
N VAL A 186 -10.52 -14.12 27.29
CA VAL A 186 -9.94 -15.32 26.71
C VAL A 186 -8.51 -15.02 26.27
N ASP A 187 -7.56 -15.78 26.81
CA ASP A 187 -6.15 -15.48 26.60
C ASP A 187 -5.49 -16.47 25.64
N ASP A 188 -6.05 -17.67 25.54
CA ASP A 188 -5.54 -18.66 24.59
C ASP A 188 -6.60 -19.70 24.23
N ILE A 189 -6.51 -20.20 23.01
CA ILE A 189 -7.41 -21.23 22.53
C ILE A 189 -6.63 -22.22 21.68
N THR A 190 -6.90 -23.50 21.86
CA THR A 190 -6.33 -24.52 21.00
C THR A 190 -7.46 -25.40 20.52
N VAL A 191 -7.52 -25.63 19.21
CA VAL A 191 -8.59 -26.43 18.64
C VAL A 191 -8.02 -27.53 17.76
N VAL A 192 -8.51 -28.75 17.97
CA VAL A 192 -8.14 -29.88 17.14
C VAL A 192 -9.39 -30.49 16.53
N THR A 193 -9.39 -30.68 15.23
CA THR A 193 -10.56 -31.20 14.54
C THR A 193 -10.30 -32.59 13.95
N HIS A 194 -10.87 -33.61 14.57
CA HIS A 194 -10.71 -34.98 14.08
C HIS A 194 -11.82 -35.27 13.08
N VAL A 195 -11.51 -36.06 12.05
CA VAL A 195 -12.54 -36.47 11.10
C VAL A 195 -12.40 -37.96 10.83
N ALA A 196 -13.51 -38.62 10.55
CA ALA A 196 -13.49 -40.07 10.37
C ALA A 196 -14.37 -40.52 9.22
N GLN A 197 -13.78 -40.54 8.02
CA GLN A 197 -14.47 -41.05 6.83
C GLN A 197 -15.55 -40.08 6.35
N ASP A 198 -15.43 -38.84 6.83
CA ASP A 198 -16.11 -37.65 6.29
C ASP A 198 -17.59 -37.50 6.54
N CYS A 199 -18.19 -38.39 7.33
CA CYS A 199 -19.58 -38.25 7.70
C CYS A 199 -19.65 -37.82 9.16
N ASN A 200 -18.48 -37.59 9.75
CA ASN A 200 -18.33 -37.66 11.18
C ASN A 200 -16.83 -37.30 11.41
N HIS A 201 -16.36 -36.51 12.39
CA HIS A 201 -16.97 -36.09 13.67
C HIS A 201 -16.20 -34.85 14.21
N ALA A 202 -16.54 -34.46 15.44
CA ALA A 202 -15.69 -33.82 16.46
C ALA A 202 -14.82 -32.59 16.21
N SER A 203 -14.73 -31.83 17.30
CA SER A 203 -13.88 -30.66 17.43
C SER A 203 -13.41 -30.62 18.88
N VAL A 204 -12.15 -30.90 19.15
CA VAL A 204 -11.62 -30.83 20.51
C VAL A 204 -11.20 -29.42 20.91
N ASP A 205 -11.57 -28.97 22.10
CA ASP A 205 -11.20 -27.64 22.57
C ASP A 205 -10.39 -27.63 23.86
N TRP A 206 -9.30 -26.87 23.90
CA TRP A 206 -8.61 -26.56 25.13
C TRP A 206 -8.53 -25.14 25.22
N GLN A 207 -9.07 -24.58 26.27
CA GLN A 207 -9.08 -23.15 26.37
C GLN A 207 -8.52 -22.59 27.65
N VAL A 208 -7.74 -21.52 27.53
CA VAL A 208 -7.21 -20.81 28.64
C VAL A 208 -7.80 -19.42 28.68
N VAL A 209 -8.40 -19.11 29.79
CA VAL A 209 -8.98 -17.82 30.09
C VAL A 209 -8.17 -17.31 31.27
N ALA A 210 -7.68 -16.09 31.16
CA ALA A 210 -6.87 -15.52 32.22
C ALA A 210 -7.62 -15.52 33.54
N ASN A 211 -8.95 -15.38 33.50
CA ASN A 211 -9.72 -15.17 34.71
C ASN A 211 -11.24 -15.30 34.59
N GLY A 212 -11.73 -16.41 34.05
CA GLY A 212 -13.16 -16.58 33.89
C GLY A 212 -13.68 -17.99 33.64
N ASP A 213 -15.00 -18.15 33.74
CA ASP A 213 -15.63 -19.43 33.46
C ASP A 213 -15.92 -19.54 31.97
N VAL A 214 -15.73 -20.72 31.38
CA VAL A 214 -15.73 -20.82 29.92
C VAL A 214 -16.91 -21.62 29.36
N SER A 215 -17.61 -20.99 28.42
CA SER A 215 -18.62 -21.67 27.62
C SER A 215 -18.26 -21.57 26.14
N VAL A 216 -18.69 -22.56 25.36
CA VAL A 216 -18.29 -22.67 23.96
C VAL A 216 -19.43 -23.12 23.06
N GLU A 217 -19.62 -22.41 21.94
CA GLU A 217 -20.66 -22.76 20.98
C GLU A 217 -20.15 -22.69 19.54
N LEU A 218 -20.57 -23.64 18.72
CA LEU A 218 -20.10 -23.74 17.34
C LEU A 218 -21.20 -23.47 16.34
N ARG A 219 -21.00 -22.45 15.52
CA ARG A 219 -21.97 -22.09 14.49
C ARG A 219 -21.38 -22.29 13.10
N ASP A 220 -22.26 -22.66 12.16
CA ASP A 220 -21.85 -22.87 10.78
C ASP A 220 -21.84 -21.56 10.02
N ALA A 221 -21.75 -21.64 8.69
CA ALA A 221 -21.71 -20.44 7.85
C ALA A 221 -23.04 -19.71 7.90
N ASP A 222 -24.10 -20.47 8.12
CA ASP A 222 -25.43 -19.91 8.24
C ASP A 222 -25.66 -19.43 9.64
N GLN A 223 -24.72 -19.70 10.52
CA GLN A 223 -24.81 -19.28 11.91
C GLN A 223 -25.68 -20.17 12.76
N GLN A 224 -26.09 -21.30 12.22
CA GLN A 224 -26.87 -22.22 12.98
C GLN A 224 -25.92 -22.84 13.98
N VAL A 225 -26.22 -22.70 15.27
CA VAL A 225 -25.41 -23.34 16.26
C VAL A 225 -25.57 -24.81 16.02
N VAL A 226 -24.47 -25.53 16.01
CA VAL A 226 -24.49 -26.91 15.66
C VAL A 226 -23.98 -27.77 16.80
N ALA A 227 -23.49 -27.10 17.82
CA ALA A 227 -22.99 -27.77 19.02
C ALA A 227 -22.60 -26.78 20.12
N THR A 228 -22.58 -27.26 21.37
CA THR A 228 -22.28 -26.42 22.53
C THR A 228 -21.41 -27.18 23.54
N GLY A 229 -20.78 -26.46 24.47
CA GLY A 229 -19.91 -27.09 25.45
C GLY A 229 -19.59 -26.20 26.64
N GLN A 230 -19.24 -26.82 27.75
CA GLN A 230 -18.96 -26.07 28.98
C GLN A 230 -17.58 -26.45 29.50
N GLY A 231 -16.92 -25.54 30.23
CA GLY A 231 -15.65 -25.87 30.83
C GLY A 231 -14.43 -25.28 30.14
N THR A 232 -13.36 -25.05 30.90
CA THR A 232 -12.12 -24.48 30.37
C THR A 232 -11.47 -25.36 29.30
N SER A 233 -11.84 -26.64 29.26
CA SER A 233 -11.32 -27.58 28.27
C SER A 233 -12.24 -28.78 28.16
N GLY A 234 -11.66 -29.95 27.89
CA GLY A 234 -12.42 -31.19 27.71
C GLY A 234 -13.46 -31.23 26.63
N THR A 235 -13.87 -30.05 26.18
CA THR A 235 -14.87 -29.87 25.11
C THR A 235 -14.55 -30.85 23.95
N LEU A 236 -15.58 -31.61 23.55
CA LEU A 236 -15.45 -32.46 22.38
C LEU A 236 -16.74 -32.46 21.57
N GLN A 237 -16.89 -31.45 20.72
CA GLN A 237 -18.12 -31.26 19.93
C GLN A 237 -18.41 -32.44 19.05
N VAL A 238 -19.65 -32.50 18.59
CA VAL A 238 -20.17 -33.65 17.88
C VAL A 238 -20.83 -33.07 16.63
N VAL A 239 -20.40 -33.51 15.44
CA VAL A 239 -20.86 -32.87 14.21
C VAL A 239 -21.13 -33.87 13.09
N ASN A 240 -22.12 -33.58 12.25
CA ASN A 240 -22.19 -34.16 10.92
C ASN A 240 -21.83 -33.03 9.95
N PRO A 241 -20.55 -32.96 9.55
CA PRO A 241 -19.92 -31.69 9.17
C PRO A 241 -19.69 -31.38 7.68
N HIS A 242 -19.61 -30.08 7.41
CA HIS A 242 -19.04 -29.59 6.17
C HIS A 242 -17.55 -29.45 6.40
N LEU A 243 -16.78 -30.27 5.70
CA LEU A 243 -15.36 -30.35 5.96
C LEU A 243 -14.62 -29.25 5.23
N TRP A 244 -13.57 -28.74 5.88
CA TRP A 244 -12.68 -27.78 5.26
C TRP A 244 -11.94 -28.52 4.16
N GLN A 245 -12.21 -28.17 2.91
CA GLN A 245 -11.62 -28.88 1.79
C GLN A 245 -10.78 -27.93 0.98
N PRO A 246 -9.65 -28.43 0.45
CA PRO A 246 -8.83 -27.62 -0.46
C PRO A 246 -9.68 -27.09 -1.60
N GLY A 247 -9.54 -25.82 -1.91
CA GLY A 247 -10.34 -25.24 -2.98
C GLY A 247 -11.68 -24.66 -2.56
N GLU A 248 -12.12 -24.99 -1.36
CA GLU A 248 -13.37 -24.43 -0.84
C GLU A 248 -13.15 -23.75 0.50
N GLY A 249 -12.69 -24.53 1.48
CA GLY A 249 -12.36 -24.01 2.80
C GLY A 249 -13.55 -23.55 3.62
N TYR A 250 -14.55 -24.41 3.76
CA TYR A 250 -15.69 -24.10 4.62
C TYR A 250 -15.20 -23.83 6.03
N LEU A 251 -15.74 -22.80 6.65
CA LEU A 251 -15.32 -22.43 7.99
C LEU A 251 -16.48 -22.35 8.96
N TYR A 252 -16.28 -22.92 10.13
CA TYR A 252 -17.22 -22.77 11.23
C TYR A 252 -16.74 -21.60 12.08
N GLU A 253 -17.59 -21.13 12.97
CA GLU A 253 -17.18 -20.13 13.94
C GLU A 253 -17.30 -20.72 15.33
N LEU A 254 -16.18 -20.79 16.04
CA LEU A 254 -16.22 -21.24 17.41
C LEU A 254 -16.23 -20.03 18.31
N CYS A 255 -17.40 -19.72 18.83
CA CYS A 255 -17.55 -18.59 19.72
C CYS A 255 -17.15 -19.02 21.13
N VAL A 256 -16.11 -18.40 21.67
CA VAL A 256 -15.65 -18.75 23.01
C VAL A 256 -16.00 -17.64 23.98
N THR A 257 -16.75 -17.99 25.01
CA THR A 257 -17.16 -17.02 26.01
C THR A 257 -16.49 -17.29 27.35
N ALA A 258 -16.15 -16.21 28.05
CA ALA A 258 -15.51 -16.30 29.35
C ALA A 258 -16.23 -15.39 30.35
N LYS A 259 -16.86 -16.00 31.35
CA LYS A 259 -17.72 -15.24 32.26
C LYS A 259 -17.11 -15.04 33.63
N SER A 260 -17.09 -13.77 34.06
CA SER A 260 -16.78 -13.42 35.43
C SER A 260 -18.06 -13.30 36.25
N GLN A 261 -17.97 -12.61 37.38
CA GLN A 261 -19.14 -12.21 38.15
C GLN A 261 -19.80 -10.98 37.58
N THR A 262 -18.97 -10.10 37.05
CA THR A 262 -19.42 -8.82 36.51
C THR A 262 -19.11 -8.65 35.03
N GLU A 263 -18.14 -9.42 34.53
CA GLU A 263 -17.66 -9.22 33.17
C GLU A 263 -17.72 -10.49 32.33
N CYS A 264 -17.90 -10.30 31.03
CA CYS A 264 -17.86 -11.41 30.09
C CYS A 264 -17.02 -11.04 28.87
N ASP A 265 -16.44 -12.06 28.25
CA ASP A 265 -15.59 -11.88 27.08
C ASP A 265 -15.92 -12.91 26.04
N ILE A 266 -16.11 -12.44 24.81
CA ILE A 266 -16.52 -13.28 23.70
C ILE A 266 -15.44 -13.29 22.62
N TYR A 267 -15.00 -14.48 22.21
CA TYR A 267 -14.01 -14.57 21.16
C TYR A 267 -14.43 -15.54 20.08
N PRO A 268 -14.52 -15.04 18.83
CA PRO A 268 -14.84 -15.80 17.63
C PRO A 268 -13.58 -16.42 17.02
N LEU A 269 -13.57 -17.73 16.87
CA LEU A 269 -12.45 -18.40 16.24
C LEU A 269 -12.91 -19.17 15.02
N ARG A 270 -12.32 -18.86 13.88
CA ARG A 270 -12.66 -19.57 12.66
C ARG A 270 -12.11 -20.99 12.75
N VAL A 271 -12.95 -21.96 12.43
CA VAL A 271 -12.56 -23.36 12.56
C VAL A 271 -12.80 -24.11 11.27
N GLY A 272 -11.76 -24.78 10.78
CA GLY A 272 -11.90 -25.62 9.61
C GLY A 272 -11.78 -27.07 10.01
N ILE A 273 -12.85 -27.82 9.75
CA ILE A 273 -12.88 -29.23 10.14
C ILE A 273 -12.27 -30.10 9.05
N ARG A 274 -11.04 -30.51 9.31
CA ARG A 274 -10.27 -31.31 8.35
C ARG A 274 -9.19 -32.11 9.07
N SER A 275 -8.75 -33.21 8.48
CA SER A 275 -7.63 -33.97 9.03
C SER A 275 -6.40 -33.97 8.12
N VAL A 276 -5.22 -33.90 8.72
CA VAL A 276 -3.97 -34.01 7.99
C VAL A 276 -3.09 -35.13 8.53
N ALA A 277 -2.70 -36.04 7.66
CA ALA A 277 -1.88 -37.17 8.07
C ALA A 277 -1.04 -37.71 6.93
N VAL A 278 0.11 -38.28 7.30
CA VAL A 278 0.95 -38.98 6.35
C VAL A 278 0.66 -40.46 6.42
N LYS A 279 0.51 -41.09 5.27
CA LYS A 279 0.28 -42.52 5.19
C LYS A 279 1.12 -43.11 4.08
N GLY A 280 2.25 -43.70 4.47
CA GLY A 280 3.18 -44.23 3.50
C GLY A 280 3.83 -43.12 2.72
N GLU A 281 3.62 -43.14 1.41
CA GLU A 281 4.20 -42.16 0.49
C GLU A 281 3.18 -41.10 0.12
N GLN A 282 2.05 -41.11 0.81
CA GLN A 282 0.95 -40.20 0.51
C GLN A 282 0.74 -39.17 1.62
N PHE A 283 0.34 -37.98 1.19
CA PHE A 283 -0.10 -36.93 2.10
C PHE A 283 -1.61 -36.84 2.03
N LEU A 284 -2.27 -37.02 3.17
CA LEU A 284 -3.72 -37.14 3.17
C LEU A 284 -4.40 -35.96 3.83
N ILE A 285 -5.27 -35.32 3.07
CA ILE A 285 -6.17 -34.31 3.61
C ILE A 285 -7.58 -34.89 3.54
N ASN A 286 -8.22 -34.97 4.71
CA ASN A 286 -9.50 -35.65 4.84
C ASN A 286 -9.45 -37.07 4.29
N HIS A 287 -8.35 -37.75 4.61
CA HIS A 287 -8.12 -39.15 4.23
C HIS A 287 -8.12 -39.34 2.72
N LYS A 288 -7.75 -38.28 2.01
CA LYS A 288 -7.67 -38.34 0.56
C LYS A 288 -6.30 -37.85 0.10
N PRO A 289 -5.67 -38.60 -0.82
CA PRO A 289 -4.35 -38.21 -1.33
C PRO A 289 -4.38 -36.87 -2.04
N PHE A 290 -3.55 -35.94 -1.56
CA PHE A 290 -3.49 -34.60 -2.10
C PHE A 290 -2.20 -34.36 -2.87
N TYR A 291 -2.30 -33.61 -3.96
CA TYR A 291 -1.11 -33.23 -4.73
C TYR A 291 -0.93 -31.72 -4.70
N PHE A 292 0.19 -31.26 -4.16
CA PHE A 292 0.47 -29.85 -4.04
C PHE A 292 0.90 -29.28 -5.38
N THR A 293 0.36 -28.12 -5.71
CA THR A 293 0.88 -27.30 -6.79
C THR A 293 1.04 -25.89 -6.27
N GLY A 294 1.98 -25.14 -6.82
CA GLY A 294 2.13 -23.76 -6.40
C GLY A 294 3.54 -23.23 -6.35
N PHE A 295 3.80 -22.44 -5.32
CA PHE A 295 5.02 -21.66 -5.25
C PHE A 295 5.73 -21.65 -3.91
N GLY A 296 7.02 -21.39 -3.96
CA GLY A 296 7.72 -20.80 -2.83
C GLY A 296 7.56 -19.32 -3.05
N ARG A 297 7.34 -18.55 -2.00
CA ARG A 297 7.09 -17.13 -2.22
C ARG A 297 8.12 -16.27 -1.50
N HIS A 298 7.80 -14.99 -1.42
CA HIS A 298 8.55 -14.06 -0.62
C HIS A 298 7.66 -12.89 -0.29
N GLU A 299 7.93 -12.25 0.83
CA GLU A 299 7.28 -10.99 1.14
C GLU A 299 8.19 -9.90 0.62
N ASP A 300 7.90 -9.48 -0.60
CA ASP A 300 8.77 -8.60 -1.36
C ASP A 300 7.97 -7.86 -2.42
N ALA A 301 8.20 -6.55 -2.51
CA ALA A 301 7.58 -5.72 -3.54
C ALA A 301 8.35 -4.41 -3.64
N ASP A 302 8.12 -3.69 -4.70
CA ASP A 302 8.80 -2.46 -4.92
C ASP A 302 8.48 -1.48 -3.82
N LEU A 303 9.47 -0.71 -3.46
CA LEU A 303 9.31 0.39 -2.55
C LEU A 303 9.08 0.05 -1.10
N ARG A 304 8.20 -0.88 -0.82
CA ARG A 304 7.84 -1.18 0.54
C ARG A 304 8.67 -2.27 1.22
N GLY A 305 9.59 -2.88 0.49
CA GLY A 305 10.35 -4.02 0.97
C GLY A 305 9.48 -5.18 1.32
N LYS A 306 9.61 -5.65 2.54
CA LYS A 306 8.83 -6.76 3.02
C LYS A 306 7.55 -6.29 3.66
N GLY A 307 7.30 -5.02 3.49
CA GLY A 307 6.16 -4.34 4.05
C GLY A 307 4.87 -4.97 3.58
N PHE A 308 3.92 -5.08 4.49
CA PHE A 308 2.64 -5.70 4.20
C PHE A 308 1.71 -4.77 3.40
N ASP A 309 0.86 -5.34 2.53
CA ASP A 309 -0.06 -4.55 1.68
C ASP A 309 -1.29 -5.30 1.14
N ASN A 310 -2.47 -4.78 1.42
CA ASN A 310 -3.72 -5.44 1.01
C ASN A 310 -3.92 -5.58 -0.50
N VAL A 311 -3.65 -4.52 -1.26
CA VAL A 311 -3.79 -4.55 -2.71
C VAL A 311 -2.90 -5.65 -3.29
N LEU A 312 -1.68 -5.72 -2.77
CA LEU A 312 -0.75 -6.73 -3.20
C LEU A 312 -1.22 -8.18 -2.92
N MSE A 313 -1.90 -8.49 -1.79
CA MSE A 313 -2.19 -9.94 -1.62
C MSE A 313 -3.46 -10.22 -2.40
O MSE A 313 -3.66 -11.34 -2.85
CB MSE A 313 -2.36 -10.46 -0.15
CG MSE A 313 -3.78 -10.86 0.36
SE MSE A 313 -3.69 -11.28 2.32
CE MSE A 313 -3.52 -9.55 2.96
N VAL A 314 -4.31 -9.20 -2.58
CA VAL A 314 -5.48 -9.38 -3.43
C VAL A 314 -5.02 -9.74 -4.83
N HIS A 315 -4.05 -9.00 -5.35
CA HIS A 315 -3.57 -9.23 -6.70
C HIS A 315 -2.82 -10.55 -6.83
N ASP A 316 -1.90 -10.84 -5.91
CA ASP A 316 -1.12 -12.06 -5.98
C ASP A 316 -2.01 -13.30 -5.93
N HIS A 317 -3.07 -13.24 -5.13
CA HIS A 317 -3.95 -14.39 -4.97
C HIS A 317 -4.82 -14.60 -6.20
N ALA A 318 -5.20 -13.52 -6.87
CA ALA A 318 -5.93 -13.63 -8.11
C ALA A 318 -5.02 -14.31 -9.12
N LEU A 319 -3.72 -14.03 -9.02
CA LEU A 319 -2.76 -14.64 -9.93
C LEU A 319 -2.53 -16.15 -9.70
N MSE A 320 -2.40 -16.60 -8.46
CA MSE A 320 -2.18 -18.04 -8.29
C MSE A 320 -3.50 -18.82 -8.27
O MSE A 320 -3.50 -20.03 -8.45
CB MSE A 320 -1.28 -18.34 -7.06
CG MSE A 320 -1.74 -18.08 -5.64
SE MSE A 320 -0.06 -17.98 -4.49
CE MSE A 320 0.20 -16.08 -4.84
N ASP A 321 -4.61 -18.11 -8.13
CA ASP A 321 -5.91 -18.72 -8.44
C ASP A 321 -6.03 -19.00 -9.93
N TRP A 322 -5.70 -18.01 -10.75
CA TRP A 322 -5.74 -18.14 -12.19
C TRP A 322 -4.80 -19.22 -12.71
N ILE A 323 -3.61 -19.30 -12.12
CA ILE A 323 -2.57 -20.17 -12.65
C ILE A 323 -2.80 -21.61 -12.19
N GLY A 324 -3.66 -21.78 -11.18
CA GLY A 324 -4.03 -23.11 -10.73
C GLY A 324 -3.22 -23.62 -9.55
N ALA A 325 -2.53 -22.72 -8.88
CA ALA A 325 -1.82 -23.07 -7.66
C ALA A 325 -2.79 -23.38 -6.54
N ASN A 326 -2.63 -24.54 -5.90
CA ASN A 326 -3.47 -24.89 -4.78
C ASN A 326 -2.76 -24.69 -3.45
N SER A 327 -1.48 -24.32 -3.50
CA SER A 327 -0.69 -24.24 -2.28
C SER A 327 0.53 -23.34 -2.41
N TYR A 328 1.16 -23.05 -1.27
CA TYR A 328 2.47 -22.41 -1.25
C TYR A 328 3.17 -22.62 0.09
N ARG A 329 4.40 -22.13 0.20
CA ARG A 329 5.21 -22.26 1.40
C ARG A 329 5.71 -20.88 1.85
N THR A 330 5.57 -20.59 3.14
CA THR A 330 5.97 -19.28 3.66
C THR A 330 7.50 -19.17 3.72
N SER A 331 8.09 -19.04 2.53
CA SER A 331 9.51 -19.23 2.33
C SER A 331 10.42 -18.40 3.22
N HIS A 332 11.05 -19.10 4.16
CA HIS A 332 12.21 -18.68 4.91
C HIS A 332 11.89 -17.69 6.04
N TYR A 333 10.60 -17.51 6.32
CA TYR A 333 10.14 -16.73 7.48
C TYR A 333 8.61 -16.79 7.61
N PRO A 334 8.08 -16.59 8.84
CA PRO A 334 6.62 -16.49 9.03
C PRO A 334 6.01 -15.30 8.31
N TYR A 335 4.91 -15.53 7.60
CA TYR A 335 4.26 -14.46 6.86
C TYR A 335 3.25 -13.68 7.72
N ALA A 336 2.77 -12.56 7.20
CA ALA A 336 1.74 -11.80 7.89
C ALA A 336 0.49 -12.67 8.04
N GLU A 337 -0.19 -12.57 9.16
CA GLU A 337 -1.29 -13.46 9.45
C GLU A 337 -2.48 -13.38 8.49
N GLU A 338 -2.62 -12.24 7.84
CA GLU A 338 -3.69 -12.05 6.89
C GLU A 338 -3.69 -13.00 5.72
N MSE A 339 -2.51 -13.40 5.27
CA MSE A 339 -2.39 -14.43 4.27
C MSE A 339 -2.92 -15.74 4.74
O MSE A 339 -3.52 -16.45 3.96
CB MSE A 339 -0.93 -14.65 3.92
CG MSE A 339 -0.21 -13.37 3.62
SE MSE A 339 -0.33 -13.11 1.73
CE MSE A 339 1.59 -13.30 1.58
N LEU A 340 -2.68 -16.09 5.99
CA LEU A 340 -3.22 -17.32 6.55
C LEU A 340 -4.71 -17.32 6.71
N ASP A 341 -5.26 -16.18 7.06
CA ASP A 341 -6.70 -15.93 7.10
C ASP A 341 -7.26 -16.06 5.69
N TRP A 342 -6.55 -15.50 4.71
CA TRP A 342 -6.99 -15.60 3.32
C TRP A 342 -7.03 -17.06 2.89
N ALA A 343 -5.96 -17.78 3.18
CA ALA A 343 -5.85 -19.19 2.84
C ALA A 343 -6.93 -20.01 3.52
N ASP A 344 -7.21 -19.71 4.79
CA ASP A 344 -8.26 -20.39 5.54
C ASP A 344 -9.62 -20.23 4.85
N GLU A 345 -9.90 -19.01 4.41
CA GLU A 345 -11.20 -18.70 3.85
C GLU A 345 -11.36 -19.23 2.42
N HIS A 346 -10.26 -19.27 1.67
CA HIS A 346 -10.33 -19.66 0.27
C HIS A 346 -9.87 -21.10 0.02
N GLY A 347 -9.52 -21.81 1.08
CA GLY A 347 -9.15 -23.21 0.95
C GLY A 347 -7.81 -23.42 0.30
N ILE A 348 -6.84 -22.59 0.69
CA ILE A 348 -5.50 -22.68 0.15
C ILE A 348 -4.59 -23.39 1.16
N VAL A 349 -3.88 -24.41 0.69
CA VAL A 349 -2.98 -25.21 1.52
C VAL A 349 -1.62 -24.54 1.70
N VAL A 350 -1.13 -24.50 2.93
CA VAL A 350 0.10 -23.76 3.22
C VAL A 350 1.11 -24.58 4.01
N ILE A 351 2.37 -24.53 3.57
CA ILE A 351 3.48 -25.04 4.37
C ILE A 351 4.08 -23.89 5.16
N ASP A 352 3.85 -23.89 6.47
CA ASP A 352 4.29 -22.81 7.35
C ASP A 352 5.74 -23.01 7.78
N GLU A 353 6.57 -22.00 7.60
CA GLU A 353 8.01 -22.17 7.82
C GLU A 353 8.61 -21.10 8.73
N THR A 354 9.56 -21.52 9.57
CA THR A 354 10.30 -20.59 10.43
C THR A 354 11.29 -19.76 9.61
N ALA A 355 11.94 -18.83 10.29
CA ALA A 355 12.92 -17.98 9.64
C ALA A 355 14.32 -18.59 9.70
N ALA A 356 14.38 -19.89 10.02
CA ALA A 356 15.65 -20.59 10.17
C ALA A 356 16.24 -21.00 8.82
N VAL A 357 16.77 -20.01 8.12
CA VAL A 357 17.46 -20.21 6.85
C VAL A 357 18.86 -19.65 7.01
N GLY A 358 19.84 -20.26 6.34
CA GLY A 358 21.20 -19.77 6.40
C GLY A 358 22.12 -20.59 7.31
N PHE A 359 21.61 -21.72 7.81
CA PHE A 359 22.45 -22.61 8.61
C PHE A 359 23.30 -23.47 7.69
N ASN A 360 24.13 -22.81 6.90
CA ASN A 360 24.84 -23.45 5.81
C ASN A 360 25.94 -22.52 5.31
N LEU A 361 27.19 -23.00 5.34
CA LEU A 361 28.31 -22.19 4.88
C LEU A 361 28.87 -22.72 3.58
N SER A 362 28.15 -23.62 2.94
CA SER A 362 28.64 -24.25 1.71
C SER A 362 27.78 -23.95 0.48
N LEU A 363 27.00 -22.89 0.50
CA LEU A 363 26.17 -22.59 -0.63
C LEU A 363 26.96 -22.13 -1.81
N GLY A 364 28.06 -21.45 -1.53
CA GLY A 364 29.05 -21.16 -2.54
C GLY A 364 28.78 -19.98 -3.44
N ILE A 365 27.79 -19.19 -3.11
CA ILE A 365 27.55 -18.00 -3.86
C ILE A 365 27.95 -16.84 -3.00
N GLY A 366 29.00 -16.16 -3.43
CA GLY A 366 29.71 -15.18 -2.64
C GLY A 366 31.14 -15.08 -3.15
N PHE A 367 31.96 -14.27 -2.50
CA PHE A 367 33.31 -14.03 -2.98
C PHE A 367 34.35 -14.86 -2.23
N ASN A 371 36.66 -15.43 6.38
CA ASN A 371 36.56 -15.31 7.82
C ASN A 371 35.38 -16.11 8.40
N LYS A 372 35.01 -17.18 7.69
CA LYS A 372 33.93 -18.04 8.16
C LYS A 372 34.46 -19.14 9.06
N PRO A 373 33.67 -19.53 10.07
CA PRO A 373 33.99 -20.69 10.90
C PRO A 373 34.05 -21.95 10.04
N LYS A 374 34.94 -22.88 10.35
CA LYS A 374 35.07 -24.09 9.56
C LYS A 374 34.13 -25.18 10.07
N GLU A 375 33.73 -25.08 11.33
CA GLU A 375 32.73 -25.99 11.88
C GLU A 375 31.40 -25.26 12.08
N LEU A 376 30.41 -25.63 11.26
CA LEU A 376 29.10 -25.00 11.32
C LEU A 376 28.48 -25.18 12.70
N TYR A 377 28.51 -26.41 13.19
CA TYR A 377 27.97 -26.74 14.51
C TYR A 377 29.08 -26.73 15.52
N SER A 378 29.29 -25.55 16.11
CA SER A 378 30.37 -25.34 17.07
C SER A 378 30.09 -24.10 17.90
N GLU A 379 30.88 -23.93 18.95
CA GLU A 379 30.67 -22.86 19.92
C GLU A 379 30.72 -21.47 19.31
N GLU A 380 31.59 -21.28 18.33
CA GLU A 380 31.80 -20.00 17.68
C GLU A 380 30.78 -19.72 16.58
N ALA A 381 29.96 -20.72 16.27
CA ALA A 381 28.95 -20.59 15.24
C ALA A 381 27.59 -21.01 15.78
N VAL A 382 27.00 -22.02 15.15
CA VAL A 382 25.72 -22.56 15.59
C VAL A 382 25.91 -23.34 16.88
N ASN A 383 25.50 -22.74 18.01
CA ASN A 383 25.73 -23.36 19.30
C ASN A 383 24.43 -23.71 20.04
N GLY A 384 24.56 -23.95 21.34
CA GLY A 384 23.44 -24.35 22.16
C GLY A 384 22.42 -23.24 22.32
N GLU A 385 22.89 -21.99 22.37
CA GLU A 385 21.96 -20.86 22.42
C GLU A 385 21.23 -20.65 21.11
N THR A 386 21.89 -20.97 20.01
CA THR A 386 21.27 -20.88 18.70
C THR A 386 20.10 -21.86 18.65
N GLN A 387 20.35 -23.07 19.12
CA GLN A 387 19.32 -24.08 19.20
C GLN A 387 18.15 -23.60 20.06
N GLN A 388 18.47 -22.87 21.13
CA GLN A 388 17.43 -22.37 22.04
C GLN A 388 16.61 -21.27 21.36
N ALA A 389 17.31 -20.43 20.59
CA ALA A 389 16.65 -19.39 19.82
C ALA A 389 15.82 -20.00 18.71
N HIS A 390 16.34 -21.08 18.12
CA HIS A 390 15.65 -21.78 17.05
C HIS A 390 14.36 -22.38 17.60
N LEU A 391 14.45 -23.00 18.77
CA LEU A 391 13.28 -23.59 19.42
C LEU A 391 12.24 -22.51 19.75
N GLN A 392 12.70 -21.38 20.26
CA GLN A 392 11.81 -20.28 20.60
C GLN A 392 11.06 -19.79 19.36
N ALA A 393 11.77 -19.76 18.23
CA ALA A 393 11.17 -19.35 16.96
C ALA A 393 10.09 -20.33 16.56
N ILE A 394 10.34 -21.61 16.82
CA ILE A 394 9.34 -22.62 16.56
C ILE A 394 8.11 -22.45 17.46
N LYS A 395 8.35 -22.10 18.73
CA LYS A 395 7.25 -21.92 19.67
C LYS A 395 6.34 -20.79 19.22
N GLU A 396 6.93 -19.63 18.93
CA GLU A 396 6.17 -18.44 18.57
C GLU A 396 5.41 -18.63 17.25
N LEU A 397 5.98 -19.37 16.31
CA LEU A 397 5.30 -19.64 15.05
C LEU A 397 4.08 -20.54 15.27
N ILE A 398 4.29 -21.64 15.98
CA ILE A 398 3.23 -22.60 16.25
C ILE A 398 2.12 -22.02 17.11
N ALA A 399 2.50 -21.28 18.15
CA ALA A 399 1.52 -20.66 19.04
C ALA A 399 0.68 -19.65 18.29
N ARG A 400 1.21 -19.13 17.19
CA ARG A 400 0.50 -18.13 16.41
C ARG A 400 -0.42 -18.77 15.38
N ASP A 401 0.01 -19.90 14.82
CA ASP A 401 -0.67 -20.47 13.66
C ASP A 401 -1.29 -21.85 13.88
N LYS A 402 -1.35 -22.29 15.13
CA LYS A 402 -1.81 -23.64 15.43
C LYS A 402 -3.28 -23.88 15.06
N ASN A 403 -4.05 -22.81 14.97
CA ASN A 403 -5.47 -22.95 14.71
C ASN A 403 -5.87 -22.69 13.25
N HIS A 404 -4.89 -22.36 12.42
CA HIS A 404 -5.16 -22.09 11.00
C HIS A 404 -5.32 -23.39 10.21
N PRO A 405 -6.53 -23.67 9.72
CA PRO A 405 -6.74 -24.91 8.98
C PRO A 405 -5.95 -24.98 7.68
N SER A 406 -5.53 -23.83 7.15
CA SER A 406 -4.76 -23.79 5.91
C SER A 406 -3.36 -24.38 6.05
N VAL A 407 -2.80 -24.23 7.25
CA VAL A 407 -1.48 -24.78 7.55
C VAL A 407 -1.56 -26.30 7.75
N VAL A 408 -0.91 -27.03 6.86
CA VAL A 408 -0.89 -28.47 6.95
C VAL A 408 0.43 -29.10 7.35
N MSE A 409 1.50 -28.32 7.41
CA MSE A 409 2.77 -28.84 7.84
C MSE A 409 3.65 -27.77 8.35
O MSE A 409 3.47 -26.62 7.98
CB MSE A 409 3.37 -29.70 6.75
CG MSE A 409 4.49 -29.11 5.98
SE MSE A 409 4.97 -30.45 4.66
CE MSE A 409 5.34 -31.77 6.00
N TRP A 410 4.57 -28.12 9.21
CA TRP A 410 5.52 -27.19 9.75
C TRP A 410 6.89 -27.45 9.21
N SER A 411 7.53 -26.43 8.66
CA SER A 411 8.91 -26.48 8.20
C SER A 411 9.78 -25.69 9.17
N ILE A 412 10.67 -26.37 9.87
CA ILE A 412 11.41 -25.71 10.95
C ILE A 412 12.72 -25.09 10.48
N ALA A 413 13.12 -25.40 9.24
CA ALA A 413 14.34 -24.83 8.66
C ALA A 413 14.38 -24.98 7.14
N ASN A 414 15.24 -24.19 6.49
CA ASN A 414 15.42 -24.28 5.03
C ASN A 414 16.89 -24.45 4.64
N GLU A 415 17.21 -25.59 4.01
CA GLU A 415 18.56 -25.87 3.50
C GLU A 415 19.71 -25.77 4.50
N PRO A 416 19.62 -26.49 5.64
CA PRO A 416 20.82 -26.51 6.48
C PRO A 416 21.86 -27.51 5.97
N ASP A 417 23.14 -27.23 6.20
CA ASP A 417 24.17 -28.21 5.88
C ASP A 417 24.08 -29.32 6.93
N THR A 418 23.75 -30.52 6.49
CA THR A 418 23.52 -31.63 7.42
C THR A 418 24.65 -32.64 7.34
N ARG A 419 25.73 -32.27 6.64
CA ARG A 419 26.88 -33.16 6.50
C ARG A 419 27.80 -33.16 7.72
N PRO A 420 28.04 -31.98 8.36
CA PRO A 420 28.85 -32.13 9.56
C PRO A 420 28.15 -33.00 10.60
N GLN A 421 28.90 -33.44 11.60
CA GLN A 421 28.44 -34.45 12.54
C GLN A 421 27.48 -33.86 13.57
N GLY A 422 27.70 -32.59 13.92
CA GLY A 422 26.88 -31.96 14.93
C GLY A 422 25.49 -31.60 14.45
N ALA A 423 25.21 -31.89 13.18
CA ALA A 423 23.93 -31.51 12.56
C ALA A 423 22.77 -32.23 13.24
N ARG A 424 22.87 -33.55 13.32
CA ARG A 424 21.82 -34.39 13.89
C ARG A 424 21.61 -34.10 15.38
N GLU A 425 22.68 -33.71 16.06
CA GLU A 425 22.58 -33.37 17.48
C GLU A 425 21.83 -32.05 17.65
N TYR A 426 21.91 -31.20 16.64
CA TYR A 426 21.24 -29.90 16.68
C TYR A 426 19.74 -30.05 16.43
N PHE A 427 19.39 -30.88 15.44
CA PHE A 427 18.01 -30.91 14.92
C PHE A 427 17.08 -31.92 15.59
N ALA A 428 17.62 -33.05 16.04
CA ALA A 428 16.80 -34.07 16.67
C ALA A 428 15.96 -33.51 17.84
N PRO A 429 16.57 -32.70 18.74
CA PRO A 429 15.73 -32.10 19.78
C PRO A 429 14.67 -31.15 19.22
N LEU A 430 15.03 -30.30 18.25
CA LEU A 430 14.08 -29.37 17.65
C LEU A 430 12.93 -30.13 17.00
N ALA A 431 13.25 -31.21 16.31
CA ALA A 431 12.23 -32.03 15.65
C ALA A 431 11.25 -32.64 16.66
N GLU A 432 11.74 -33.01 17.83
CA GLU A 432 10.89 -33.67 18.82
C GLU A 432 10.13 -32.67 19.67
N ALA A 433 10.71 -31.49 19.86
CA ALA A 433 10.02 -30.42 20.55
C ALA A 433 8.85 -29.94 19.71
N THR A 434 9.06 -29.91 18.40
CA THR A 434 8.04 -29.44 17.47
C THR A 434 6.82 -30.37 17.48
N ARG A 435 7.09 -31.67 17.54
CA ARG A 435 6.00 -32.65 17.56
C ARG A 435 5.12 -32.57 18.81
N LYS A 436 5.69 -32.09 19.91
CA LYS A 436 4.93 -31.98 21.15
C LYS A 436 4.17 -30.65 21.23
N LEU A 437 4.69 -29.64 20.55
CA LEU A 437 4.02 -28.35 20.49
C LEU A 437 2.76 -28.45 19.62
N ASP A 438 2.82 -29.30 18.61
CA ASP A 438 1.67 -29.55 17.74
C ASP A 438 1.73 -30.92 17.07
N PRO A 439 1.03 -31.89 17.65
CA PRO A 439 0.97 -33.27 17.13
C PRO A 439 0.05 -33.41 15.92
N THR A 440 -0.82 -32.43 15.69
CA THR A 440 -1.83 -32.54 14.64
C THR A 440 -1.26 -32.39 13.23
N ARG A 441 -0.08 -31.80 13.10
CA ARG A 441 0.48 -31.54 11.78
C ARG A 441 1.83 -32.24 11.55
N PRO A 442 1.99 -32.83 10.36
CA PRO A 442 3.27 -33.39 9.91
C PRO A 442 4.37 -32.34 9.93
N ILE A 443 5.60 -32.80 10.00
CA ILE A 443 6.75 -31.93 10.22
C ILE A 443 7.78 -32.16 9.13
N THR A 444 8.54 -31.13 8.79
CA THR A 444 9.51 -31.24 7.72
C THR A 444 10.68 -30.29 7.93
N CYS A 445 11.74 -30.51 7.17
CA CYS A 445 12.91 -29.66 7.16
C CYS A 445 13.45 -29.63 5.75
N VAL A 446 13.46 -28.45 5.13
CA VAL A 446 13.72 -28.36 3.69
C VAL A 446 15.19 -28.65 3.32
N ASN A 447 15.37 -29.63 2.46
CA ASN A 447 16.68 -30.19 2.14
C ASN A 447 17.45 -29.44 1.04
N VAL A 448 18.70 -29.15 1.32
CA VAL A 448 19.61 -28.62 0.34
C VAL A 448 20.17 -29.73 -0.53
N MSE A 449 20.33 -29.47 -1.80
CA MSE A 449 20.59 -30.50 -2.77
C MSE A 449 21.87 -31.26 -2.65
O MSE A 449 21.86 -32.45 -2.90
CB MSE A 449 20.20 -30.08 -4.18
CG MSE A 449 21.26 -29.34 -4.96
SE MSE A 449 20.59 -28.90 -6.73
CE MSE A 449 20.17 -27.15 -6.14
N PHE A 450 22.97 -30.62 -2.29
CA PHE A 450 24.24 -31.33 -2.18
C PHE A 450 24.28 -32.23 -0.94
N CYS A 451 23.34 -32.03 -0.01
CA CYS A 451 23.13 -32.99 1.06
C CYS A 451 22.17 -34.06 0.57
N ASP A 452 22.64 -34.92 -0.33
CA ASP A 452 21.78 -35.89 -0.97
C ASP A 452 21.45 -37.09 -0.09
N ALA A 453 20.76 -38.06 -0.67
CA ALA A 453 20.29 -39.24 0.06
C ALA A 453 21.46 -39.98 0.70
N HIS A 454 22.61 -39.97 0.04
CA HIS A 454 23.77 -40.66 0.56
C HIS A 454 24.42 -39.91 1.72
N THR A 455 24.36 -38.58 1.69
CA THR A 455 25.11 -37.77 2.65
C THR A 455 24.27 -37.10 3.72
N ASP A 456 22.97 -36.94 3.48
CA ASP A 456 22.11 -36.29 4.47
C ASP A 456 21.91 -37.16 5.71
N THR A 457 21.87 -36.52 6.88
CA THR A 457 21.82 -37.24 8.14
C THR A 457 20.56 -37.02 9.00
N ILE A 458 19.69 -36.08 8.65
CA ILE A 458 18.59 -35.72 9.55
C ILE A 458 17.17 -35.97 9.04
N SER A 459 17.01 -36.23 7.74
CA SER A 459 15.67 -36.26 7.13
C SER A 459 14.75 -37.33 7.70
N ASP A 460 15.34 -38.41 8.20
CA ASP A 460 14.57 -39.50 8.79
C ASP A 460 13.79 -39.05 10.04
N LEU A 461 14.19 -37.91 10.61
CA LEU A 461 13.57 -37.35 11.80
C LEU A 461 12.27 -36.62 11.50
N PHE A 462 11.90 -36.55 10.22
CA PHE A 462 10.74 -35.76 9.80
C PHE A 462 9.76 -36.62 9.02
N ASP A 463 8.57 -36.08 8.76
CA ASP A 463 7.47 -36.85 8.20
C ASP A 463 7.38 -36.75 6.68
N VAL A 464 7.72 -35.59 6.13
CA VAL A 464 7.60 -35.35 4.70
C VAL A 464 8.94 -34.85 4.15
N LEU A 465 9.33 -35.34 2.98
CA LEU A 465 10.59 -34.94 2.38
C LEU A 465 10.42 -33.79 1.40
N CYS A 466 10.84 -32.60 1.81
CA CYS A 466 10.78 -31.42 0.95
C CYS A 466 12.16 -31.13 0.34
N LEU A 467 12.24 -31.22 -0.99
CA LEU A 467 13.52 -31.07 -1.69
C LEU A 467 13.64 -29.77 -2.46
N ASN A 468 14.64 -28.97 -2.13
CA ASN A 468 15.00 -27.80 -2.94
C ASN A 468 15.96 -28.19 -4.06
N ARG A 469 15.50 -28.08 -5.30
CA ARG A 469 16.28 -28.51 -6.48
C ARG A 469 16.66 -27.35 -7.39
N TYR A 470 16.55 -26.11 -6.90
CA TYR A 470 16.65 -24.95 -7.78
C TYR A 470 17.94 -24.83 -8.59
N TYR A 471 19.09 -24.86 -7.92
CA TYR A 471 20.37 -24.72 -8.59
C TYR A 471 20.87 -25.96 -9.33
N GLY A 472 19.95 -26.85 -9.70
CA GLY A 472 20.31 -27.97 -10.54
C GLY A 472 20.80 -27.54 -11.93
N TRP A 473 20.37 -26.38 -12.41
CA TRP A 473 20.83 -25.91 -13.71
C TRP A 473 22.29 -25.46 -13.66
N TYR A 474 22.78 -25.19 -12.45
CA TYR A 474 24.16 -24.82 -12.27
C TYR A 474 25.05 -26.05 -12.39
N VAL A 475 24.74 -27.08 -11.59
CA VAL A 475 25.57 -28.26 -11.49
C VAL A 475 25.50 -29.11 -12.76
N GLN A 476 24.43 -28.95 -13.53
CA GLN A 476 24.22 -29.77 -14.70
C GLN A 476 24.61 -29.00 -15.95
N SER A 477 25.15 -27.81 -15.73
CA SER A 477 25.64 -26.96 -16.82
C SER A 477 24.57 -26.72 -17.89
N GLY A 478 23.31 -26.83 -17.49
CA GLY A 478 22.19 -26.54 -18.38
C GLY A 478 21.74 -27.65 -19.32
N ASP A 479 22.38 -28.82 -19.24
CA ASP A 479 22.00 -29.95 -20.08
C ASP A 479 20.73 -30.57 -19.52
N LEU A 480 19.73 -30.74 -20.37
CA LEU A 480 18.40 -31.17 -19.96
C LEU A 480 18.27 -32.67 -19.75
N GLU A 481 18.91 -33.46 -20.59
CA GLU A 481 18.71 -34.90 -20.51
C GLU A 481 19.68 -35.57 -19.55
N THR A 482 20.77 -34.89 -19.22
CA THR A 482 21.59 -35.32 -18.10
C THR A 482 20.85 -34.94 -16.82
N ALA A 483 20.22 -33.77 -16.84
CA ALA A 483 19.47 -33.28 -15.68
C ALA A 483 18.27 -34.16 -15.36
N GLU A 484 17.61 -34.66 -16.39
CA GLU A 484 16.46 -35.55 -16.20
C GLU A 484 16.82 -36.89 -15.56
N LYS A 485 17.91 -37.49 -16.03
CA LYS A 485 18.28 -38.81 -15.51
C LYS A 485 18.94 -38.68 -14.13
N VAL A 486 19.71 -37.62 -13.92
CA VAL A 486 20.23 -37.33 -12.60
C VAL A 486 19.09 -37.03 -11.63
N LEU A 487 18.11 -36.25 -12.08
CA LEU A 487 17.00 -35.90 -11.19
C LEU A 487 16.23 -37.14 -10.76
N GLU A 488 15.83 -37.95 -11.72
CA GLU A 488 15.01 -39.12 -11.44
C GLU A 488 15.68 -40.15 -10.52
N LYS A 489 16.97 -40.35 -10.68
CA LYS A 489 17.67 -41.37 -9.90
C LYS A 489 17.87 -40.92 -8.45
N GLU A 490 18.04 -39.61 -8.27
CA GLU A 490 18.12 -39.02 -6.95
C GLU A 490 16.78 -39.06 -6.22
N LEU A 491 15.69 -38.83 -6.95
CA LEU A 491 14.35 -38.90 -6.38
C LEU A 491 14.03 -40.34 -5.98
N LEU A 492 14.36 -41.29 -6.84
CA LEU A 492 14.17 -42.70 -6.54
C LEU A 492 15.04 -43.16 -5.36
N ALA A 493 16.26 -42.64 -5.28
CA ALA A 493 17.13 -42.95 -4.14
C ALA A 493 16.51 -42.47 -2.83
N TRP A 494 15.92 -41.27 -2.86
CA TRP A 494 15.25 -40.73 -1.67
C TRP A 494 14.02 -41.55 -1.30
N GLN A 495 13.37 -42.12 -2.31
CA GLN A 495 12.18 -42.93 -2.10
C GLN A 495 12.55 -44.26 -1.43
N GLU A 496 13.78 -44.70 -1.66
CA GLU A 496 14.25 -45.97 -1.11
C GLU A 496 14.83 -45.82 0.30
N LYS A 497 15.48 -44.70 0.53
CA LYS A 497 16.00 -44.37 1.82
C LYS A 497 14.92 -44.12 2.84
N LEU A 498 13.87 -43.41 2.46
CA LEU A 498 12.91 -42.96 3.45
C LEU A 498 11.48 -43.38 3.33
N HIS A 499 11.00 -43.69 2.15
CA HIS A 499 9.62 -44.05 1.99
C HIS A 499 8.66 -43.03 2.52
N GLN A 500 8.97 -41.79 2.25
CA GLN A 500 8.21 -40.69 2.74
C GLN A 500 7.61 -40.02 1.54
N PRO A 501 6.49 -39.21 1.79
CA PRO A 501 6.05 -38.45 0.62
C PRO A 501 7.00 -37.35 0.24
N ILE A 502 7.19 -37.12 -1.04
CA ILE A 502 8.15 -36.14 -1.51
C ILE A 502 7.52 -34.91 -2.15
N ILE A 503 7.90 -33.77 -1.68
CA ILE A 503 7.52 -32.52 -2.32
C ILE A 503 8.77 -31.81 -2.79
N ILE A 504 8.81 -31.43 -4.07
CA ILE A 504 9.88 -30.58 -4.56
C ILE A 504 9.46 -29.14 -4.32
N THR A 505 10.08 -28.50 -3.34
CA THR A 505 9.62 -27.19 -2.86
C THR A 505 10.33 -26.03 -3.52
N GLU A 506 11.35 -26.35 -4.32
CA GLU A 506 12.01 -25.34 -5.14
C GLU A 506 12.49 -25.95 -6.44
N TYR A 507 11.98 -25.43 -7.56
CA TYR A 507 12.54 -25.75 -8.86
C TYR A 507 12.23 -24.61 -9.82
N GLY A 508 13.16 -24.35 -10.74
CA GLY A 508 13.04 -23.25 -11.67
C GLY A 508 14.41 -22.79 -12.09
N VAL A 509 14.48 -21.69 -12.84
CA VAL A 509 15.74 -21.14 -13.27
C VAL A 509 15.63 -19.61 -13.43
N ASP A 510 16.73 -18.91 -13.23
CA ASP A 510 16.73 -17.45 -13.35
C ASP A 510 16.39 -17.05 -14.77
N THR A 511 15.42 -16.14 -14.90
CA THR A 511 14.89 -15.79 -16.21
C THR A 511 14.66 -14.29 -16.35
N LEU A 512 15.42 -13.66 -17.25
CA LEU A 512 15.25 -12.25 -17.54
C LEU A 512 14.03 -12.03 -18.42
N ALA A 513 13.00 -11.39 -17.87
CA ALA A 513 11.78 -11.15 -18.62
C ALA A 513 12.11 -10.39 -19.89
N GLY A 514 11.60 -10.88 -21.01
CA GLY A 514 11.82 -10.22 -22.29
C GLY A 514 13.00 -10.74 -23.09
N LEU A 515 13.76 -11.65 -22.48
CA LEU A 515 14.86 -12.28 -23.21
C LEU A 515 14.29 -13.52 -23.88
N HIS A 516 14.35 -13.54 -25.21
CA HIS A 516 13.85 -14.69 -25.94
C HIS A 516 14.97 -15.33 -26.73
N SER A 517 14.94 -16.64 -26.87
CA SER A 517 15.97 -17.34 -27.60
C SER A 517 15.48 -18.44 -28.48
N MSE A 518 16.06 -18.57 -29.66
CA MSE A 518 15.80 -19.73 -30.48
C MSE A 518 16.63 -20.89 -30.08
O MSE A 518 16.35 -21.99 -30.51
CB MSE A 518 16.13 -19.48 -31.93
CG MSE A 518 15.13 -18.54 -32.55
SE MSE A 518 13.41 -19.34 -32.87
CE MSE A 518 13.88 -20.87 -33.95
N TYR A 519 17.63 -20.69 -29.26
CA TYR A 519 18.47 -21.79 -28.83
C TYR A 519 18.05 -22.37 -27.50
N THR A 520 16.98 -21.85 -26.96
CA THR A 520 16.44 -22.30 -25.68
C THR A 520 17.53 -22.35 -24.62
N ASP A 521 18.25 -21.26 -24.46
CA ASP A 521 19.34 -21.20 -23.51
C ASP A 521 19.09 -20.30 -22.32
N MSE A 522 20.05 -20.28 -21.42
CA MSE A 522 19.89 -19.73 -20.14
C MSE A 522 19.55 -18.29 -20.09
O MSE A 522 20.09 -17.49 -20.83
CB MSE A 522 21.22 -19.85 -19.47
CG MSE A 522 21.07 -20.96 -18.44
SE MSE A 522 20.54 -20.27 -16.70
CE MSE A 522 21.17 -18.48 -16.96
N TRP A 523 18.63 -17.98 -19.20
CA TRP A 523 18.08 -16.68 -18.98
C TRP A 523 16.99 -16.38 -19.94
N SER A 524 16.72 -17.25 -20.89
CA SER A 524 15.61 -17.01 -21.79
C SER A 524 14.31 -17.50 -21.24
N GLU A 525 13.23 -16.91 -21.70
CA GLU A 525 11.91 -17.35 -21.24
C GLU A 525 11.64 -18.77 -21.72
N GLU A 526 12.20 -19.11 -22.89
CA GLU A 526 12.00 -20.43 -23.49
C GLU A 526 12.71 -21.52 -22.71
N TYR A 527 13.86 -21.19 -22.14
CA TYR A 527 14.60 -22.14 -21.33
C TYR A 527 13.86 -22.41 -20.04
N GLN A 528 13.31 -21.36 -19.44
CA GLN A 528 12.57 -21.51 -18.20
C GLN A 528 11.41 -22.49 -18.39
N CYS A 529 10.76 -22.42 -19.56
CA CYS A 529 9.68 -23.35 -19.88
C CYS A 529 10.17 -24.78 -20.03
N ALA A 530 11.26 -24.96 -20.77
CA ALA A 530 11.82 -26.29 -21.00
C ALA A 530 12.39 -26.86 -19.71
N TRP A 531 12.98 -25.99 -18.90
CA TRP A 531 13.52 -26.43 -17.63
C TRP A 531 12.40 -26.89 -16.69
N LEU A 532 11.32 -26.15 -16.61
CA LEU A 532 10.20 -26.57 -15.80
C LEU A 532 9.56 -27.84 -16.30
N ASP A 533 9.42 -27.96 -17.59
CA ASP A 533 8.78 -29.09 -18.19
C ASP A 533 9.51 -30.39 -17.97
N MSE A 534 10.83 -30.38 -17.96
CA MSE A 534 11.56 -31.56 -17.55
C MSE A 534 11.32 -31.99 -16.13
O MSE A 534 11.21 -33.17 -15.94
CB MSE A 534 12.99 -31.74 -18.08
CG MSE A 534 14.20 -31.31 -17.31
SE MSE A 534 14.74 -32.23 -15.71
CE MSE A 534 16.19 -30.98 -15.70
N TYR A 535 11.20 -31.09 -15.19
CA TYR A 535 10.84 -31.50 -13.86
C TYR A 535 9.46 -32.13 -13.83
N HIS A 536 8.53 -31.61 -14.59
CA HIS A 536 7.22 -32.17 -14.66
C HIS A 536 7.16 -33.56 -15.20
N ARG A 537 7.91 -33.87 -16.24
CA ARG A 537 7.93 -35.19 -16.79
C ARG A 537 8.44 -36.22 -15.80
N VAL A 538 9.44 -35.86 -15.04
CA VAL A 538 10.02 -36.76 -14.04
C VAL A 538 9.08 -36.98 -12.86
N PHE A 539 8.45 -35.90 -12.40
CA PHE A 539 7.52 -35.96 -11.27
C PHE A 539 6.43 -36.98 -11.52
N ASP A 540 5.95 -37.00 -12.76
CA ASP A 540 4.81 -37.85 -13.12
C ASP A 540 5.22 -39.30 -13.29
N ARG A 541 6.51 -39.60 -13.11
CA ARG A 541 6.98 -40.98 -13.21
C ARG A 541 7.43 -41.55 -11.87
N VAL A 542 7.30 -40.74 -10.83
CA VAL A 542 7.77 -41.12 -9.50
C VAL A 542 6.60 -41.05 -8.51
N SER A 543 6.18 -42.22 -8.03
CA SER A 543 5.00 -42.34 -7.20
C SER A 543 5.09 -41.54 -5.89
N ALA A 544 6.30 -41.41 -5.36
CA ALA A 544 6.50 -40.78 -4.06
C ALA A 544 6.36 -39.26 -4.12
N VAL A 545 6.45 -38.69 -5.32
CA VAL A 545 6.31 -37.24 -5.46
C VAL A 545 4.83 -36.86 -5.33
N VAL A 546 4.53 -36.02 -4.35
CA VAL A 546 3.16 -35.62 -4.07
C VAL A 546 3.00 -34.11 -4.12
N GLY A 547 4.02 -33.42 -4.62
CA GLY A 547 3.95 -31.97 -4.66
C GLY A 547 5.03 -31.33 -5.48
N GLU A 548 4.66 -30.23 -6.13
CA GLU A 548 5.59 -29.42 -6.91
C GLU A 548 5.36 -27.95 -6.62
N GLN A 549 6.36 -27.29 -6.06
CA GLN A 549 6.24 -25.86 -5.82
C GLN A 549 7.41 -25.14 -6.49
N VAL A 550 7.05 -24.21 -7.38
CA VAL A 550 8.02 -23.52 -8.22
C VAL A 550 8.71 -22.43 -7.42
N TRP A 551 10.00 -22.27 -7.67
CA TRP A 551 10.77 -21.15 -7.13
C TRP A 551 11.11 -20.19 -8.27
N ASN A 552 10.70 -18.91 -8.18
CA ASN A 552 9.87 -18.34 -7.14
C ASN A 552 8.61 -17.76 -7.81
N PHE A 553 7.64 -17.32 -7.03
CA PHE A 553 6.44 -16.70 -7.57
C PHE A 553 6.79 -15.47 -8.41
N ALA A 554 7.62 -14.59 -7.84
CA ALA A 554 7.99 -13.36 -8.53
C ALA A 554 9.43 -12.96 -8.25
N ASP A 555 10.03 -12.18 -9.16
CA ASP A 555 11.37 -11.64 -8.93
C ASP A 555 11.41 -10.92 -7.59
N PHE A 556 12.45 -11.15 -6.82
CA PHE A 556 12.60 -10.46 -5.54
C PHE A 556 14.01 -9.92 -5.38
N ALA A 557 14.16 -8.94 -4.51
CA ALA A 557 15.45 -8.35 -4.24
C ALA A 557 16.31 -9.31 -3.43
N THR A 558 17.59 -9.36 -3.77
CA THR A 558 18.49 -10.33 -3.15
C THR A 558 19.62 -9.65 -2.39
N SER A 559 20.32 -10.45 -1.59
CA SER A 559 21.54 -10.02 -0.93
C SER A 559 22.58 -9.77 -2.01
N GLN A 560 23.69 -9.13 -1.67
CA GLN A 560 24.65 -8.80 -2.70
C GLN A 560 26.14 -9.08 -2.41
N GLY A 561 26.55 -10.35 -2.32
CA GLY A 561 25.65 -11.49 -2.29
C GLY A 561 25.25 -12.12 -3.62
N ILE A 562 23.97 -12.52 -3.68
CA ILE A 562 23.36 -13.15 -4.85
C ILE A 562 23.32 -12.23 -6.07
N LEU A 563 23.08 -10.94 -5.85
CA LEU A 563 22.95 -9.99 -6.96
C LEU A 563 24.25 -9.89 -7.78
N ARG A 564 25.39 -10.25 -7.20
CA ARG A 564 26.65 -10.28 -7.95
C ARG A 564 26.67 -11.42 -8.99
N VAL A 565 25.94 -12.50 -8.75
CA VAL A 565 25.67 -13.46 -9.82
C VAL A 565 24.46 -13.02 -10.65
N GLY A 566 23.59 -12.21 -10.05
CA GLY A 566 22.52 -11.49 -10.76
C GLY A 566 21.41 -12.20 -11.53
N GLY A 567 20.72 -13.18 -10.94
CA GLY A 567 20.77 -13.51 -9.53
C GLY A 567 19.41 -13.23 -8.91
N ASN A 568 18.84 -12.08 -9.28
CA ASN A 568 17.56 -11.63 -8.75
C ASN A 568 16.38 -11.77 -9.71
N LYS A 569 16.43 -12.71 -10.65
CA LYS A 569 15.33 -12.89 -11.59
C LYS A 569 14.79 -14.30 -11.56
N LYS A 570 14.34 -14.72 -10.39
CA LYS A 570 13.94 -16.10 -10.16
C LYS A 570 12.46 -16.34 -10.32
N GLY A 571 11.73 -15.27 -10.62
CA GLY A 571 10.29 -15.34 -10.62
C GLY A 571 9.62 -15.96 -11.84
N ILE A 572 8.40 -16.42 -11.63
CA ILE A 572 7.49 -16.76 -12.71
C ILE A 572 6.88 -15.46 -13.20
N PHE A 573 6.69 -14.54 -12.26
CA PHE A 573 6.24 -13.18 -12.54
C PHE A 573 7.38 -12.22 -12.23
N THR A 574 7.32 -11.02 -12.79
CA THR A 574 8.27 -9.97 -12.46
C THR A 574 7.91 -9.37 -11.11
N ARG A 575 8.72 -8.44 -10.63
CA ARG A 575 8.45 -7.81 -9.34
C ARG A 575 7.18 -6.95 -9.38
N ASP A 576 6.86 -6.39 -10.54
CA ASP A 576 5.61 -5.65 -10.66
C ASP A 576 4.52 -6.60 -11.15
N ARG A 577 4.82 -7.89 -11.01
CA ARG A 577 3.85 -8.97 -11.18
C ARG A 577 3.40 -9.21 -12.61
N LYS A 578 4.25 -8.94 -13.59
CA LYS A 578 3.92 -9.28 -14.97
C LYS A 578 4.39 -10.69 -15.27
N PRO A 579 3.59 -11.46 -16.04
CA PRO A 579 3.91 -12.88 -16.25
C PRO A 579 5.01 -13.09 -17.28
N LYS A 580 5.93 -14.01 -16.99
CA LYS A 580 6.86 -14.48 -18.00
C LYS A 580 6.14 -15.61 -18.73
N SER A 581 6.68 -16.08 -19.85
CA SER A 581 5.94 -17.07 -20.65
C SER A 581 5.73 -18.39 -19.90
N ALA A 582 6.52 -18.63 -18.86
CA ALA A 582 6.40 -19.87 -18.10
C ALA A 582 5.13 -19.88 -17.26
N ALA A 583 4.57 -18.70 -17.01
CA ALA A 583 3.34 -18.58 -16.24
C ALA A 583 2.21 -19.29 -16.94
N PHE A 584 2.22 -19.24 -18.26
CA PHE A 584 1.14 -19.82 -19.05
C PHE A 584 1.35 -21.31 -19.21
N LEU A 585 2.60 -21.75 -19.10
CA LEU A 585 2.93 -23.16 -19.13
C LEU A 585 2.37 -23.82 -17.87
N LEU A 586 2.54 -23.15 -16.74
CA LEU A 586 2.10 -23.67 -15.45
C LEU A 586 0.59 -23.67 -15.37
N GLN A 587 -0.03 -22.64 -15.93
CA GLN A 587 -1.49 -22.52 -15.92
C GLN A 587 -2.13 -23.71 -16.62
N LYS A 588 -1.59 -24.10 -17.78
CA LYS A 588 -2.16 -25.19 -18.53
C LYS A 588 -1.96 -26.53 -17.81
N ARG A 589 -0.80 -26.72 -17.19
CA ARG A 589 -0.56 -27.95 -16.47
C ARG A 589 -1.43 -28.02 -15.21
N TRP A 590 -1.42 -26.95 -14.42
CA TRP A 590 -2.11 -26.94 -13.14
C TRP A 590 -3.64 -26.86 -13.24
N THR A 591 -4.16 -26.17 -14.25
CA THR A 591 -5.61 -26.15 -14.42
C THR A 591 -6.05 -27.37 -15.21
N GLY A 592 -5.11 -27.99 -15.90
CA GLY A 592 -5.39 -29.16 -16.71
C GLY A 592 -5.57 -30.45 -15.92
N MSE A 593 -5.00 -30.51 -14.72
CA MSE A 593 -5.14 -31.71 -13.91
C MSE A 593 -6.39 -31.65 -13.03
O MSE A 593 -6.93 -30.58 -12.77
CB MSE A 593 -3.90 -31.94 -13.03
CG MSE A 593 -3.63 -30.87 -11.97
SE MSE A 593 -1.90 -31.16 -11.09
CE MSE A 593 -0.72 -30.36 -12.40
N ASN A 594 -6.86 -32.82 -12.61
CA ASN A 594 -7.97 -32.88 -11.68
C ASN A 594 -7.51 -32.27 -10.36
N PHE A 595 -8.35 -31.46 -9.74
CA PHE A 595 -7.92 -30.69 -8.58
C PHE A 595 -7.34 -31.60 -7.48
N GLY A 596 -6.10 -31.33 -7.08
CA GLY A 596 -5.45 -32.04 -6.00
C GLY A 596 -5.08 -33.48 -6.29
N GLU A 597 -5.15 -33.86 -7.57
CA GLU A 597 -4.87 -35.23 -7.96
C GLU A 597 -3.58 -35.34 -8.77
N LYS A 598 -2.66 -36.16 -8.28
CA LYS A 598 -1.44 -36.46 -9.02
C LYS A 598 -1.81 -37.06 -10.38
N PRO A 599 -1.13 -36.63 -11.45
CA PRO A 599 -1.36 -37.21 -12.77
C PRO A 599 -0.97 -38.69 -12.81
N GLN A 600 -1.64 -39.47 -13.66
CA GLN A 600 -1.35 -40.89 -13.80
C GLN A 600 0.05 -41.16 -14.39
N GLN A 601 0.61 -42.31 -14.01
CA GLN A 601 1.93 -42.77 -14.48
C GLN A 601 1.91 -43.05 -15.99
N GLY A 602 2.61 -42.24 -16.80
CA GLY A 602 3.25 -41.01 -16.37
C GLY A 602 2.67 -39.87 -17.19
N GLY A 603 1.92 -38.99 -16.52
CA GLY A 603 1.30 -37.86 -17.18
C GLY A 603 -0.04 -38.25 -17.79
N SER B 1 -20.35 23.40 0.92
CA SER B 1 -20.78 22.66 2.09
C SER B 1 -19.74 22.72 3.16
N HIS B 2 -19.97 22.01 4.25
CA HIS B 2 -19.08 22.06 5.38
C HIS B 2 -18.23 20.85 5.44
N MSE B 3 -16.93 21.06 5.20
CA MSE B 3 -15.95 20.00 5.26
C MSE B 3 -14.79 20.48 6.05
O MSE B 3 -14.13 21.46 5.67
CB MSE B 3 -15.51 19.68 3.83
CG MSE B 3 -15.20 18.22 3.62
SE MSE B 3 -16.83 17.14 3.74
CE MSE B 3 -17.66 17.60 2.04
N LEU B 4 -14.49 19.75 7.11
CA LEU B 4 -13.28 19.96 7.89
C LEU B 4 -12.58 18.61 7.93
N ARG B 5 -11.26 18.60 7.87
CA ARG B 5 -10.54 17.34 7.90
C ARG B 5 -10.45 16.85 9.35
N PRO B 6 -10.84 15.59 9.59
CA PRO B 6 -10.88 14.97 10.92
C PRO B 6 -9.52 14.89 11.63
N VAL B 7 -9.48 15.23 12.89
CA VAL B 7 -8.27 15.14 13.64
C VAL B 7 -8.75 14.61 14.95
N GLU B 8 -7.86 13.99 15.70
CA GLU B 8 -8.23 13.44 16.99
C GLU B 8 -7.99 14.53 18.01
N THR B 9 -8.99 14.81 18.86
CA THR B 9 -9.06 16.05 19.67
C THR B 9 -9.98 16.00 20.87
N PRO B 10 -11.24 16.51 20.73
CA PRO B 10 -12.31 15.83 21.47
C PRO B 10 -12.98 14.73 20.63
N THR B 11 -12.41 14.48 19.47
CA THR B 11 -13.07 13.69 18.48
C THR B 11 -12.19 12.52 18.22
N ARG B 12 -12.83 11.42 17.88
CA ARG B 12 -12.18 10.16 17.70
C ARG B 12 -12.56 9.59 16.37
N GLU B 13 -11.65 8.85 15.74
CA GLU B 13 -11.93 8.20 14.47
C GLU B 13 -11.55 6.74 14.37
N ILE B 14 -12.40 5.93 13.77
CA ILE B 14 -12.08 4.55 13.51
C ILE B 14 -11.98 4.39 11.97
N LYS B 15 -10.76 4.18 11.49
CA LYS B 15 -10.55 4.04 10.05
C LYS B 15 -11.19 2.76 9.55
N LYS B 16 -11.82 2.85 8.39
CA LYS B 16 -12.47 1.68 7.82
C LYS B 16 -11.60 1.15 6.70
N LEU B 17 -10.36 1.63 6.69
CA LEU B 17 -9.37 1.22 5.69
C LEU B 17 -8.93 -0.20 5.86
N ASP B 18 -9.44 -0.87 6.89
CA ASP B 18 -9.22 -2.30 7.03
C ASP B 18 -9.66 -2.89 5.70
N GLY B 19 -8.72 -2.88 4.76
CA GLY B 19 -9.01 -2.91 3.34
C GLY B 19 -10.00 -3.91 2.82
N LEU B 20 -10.01 -5.10 3.41
CA LEU B 20 -10.78 -6.17 2.81
C LEU B 20 -12.28 -5.88 3.01
N TRP B 21 -12.92 -5.49 1.90
CA TRP B 21 -14.36 -5.29 1.84
C TRP B 21 -14.94 -6.38 0.94
N ALA B 22 -16.23 -6.61 1.04
CA ALA B 22 -16.91 -7.46 0.08
C ALA B 22 -17.08 -6.68 -1.20
N PHE B 23 -16.95 -7.34 -2.35
CA PHE B 23 -17.01 -6.64 -3.62
C PHE B 23 -17.71 -7.44 -4.71
N SER B 24 -18.57 -6.77 -5.47
CA SER B 24 -19.30 -7.43 -6.55
C SER B 24 -19.54 -6.49 -7.73
N LEU B 25 -19.62 -7.07 -8.93
CA LEU B 25 -20.05 -6.34 -10.13
C LEU B 25 -21.57 -6.40 -10.25
N ASP B 26 -22.16 -5.43 -10.93
CA ASP B 26 -23.59 -5.43 -11.17
C ASP B 26 -23.90 -5.26 -12.66
N ARG B 27 -23.63 -6.30 -13.44
CA ARG B 27 -23.75 -6.22 -14.89
C ARG B 27 -25.19 -6.11 -15.39
N GLU B 28 -26.14 -6.58 -14.59
CA GLU B 28 -27.54 -6.48 -14.99
C GLU B 28 -28.23 -5.30 -14.32
N ASN B 29 -27.45 -4.54 -13.55
CA ASN B 29 -27.94 -3.35 -12.87
C ASN B 29 -29.21 -3.63 -12.06
N CYS B 30 -29.23 -4.78 -11.40
CA CYS B 30 -30.38 -5.17 -10.60
C CYS B 30 -30.18 -4.90 -9.12
N GLY B 31 -28.99 -4.42 -8.77
CA GLY B 31 -28.62 -4.25 -7.38
C GLY B 31 -29.51 -3.31 -6.60
N ILE B 32 -29.94 -2.22 -7.24
CA ILE B 32 -30.82 -1.28 -6.59
C ILE B 32 -32.25 -1.83 -6.50
N ASP B 33 -32.69 -2.51 -7.56
CA ASP B 33 -34.02 -3.12 -7.57
C ASP B 33 -34.16 -4.32 -6.63
N GLN B 34 -33.11 -5.12 -6.51
CA GLN B 34 -33.15 -6.28 -5.62
C GLN B 34 -32.62 -5.89 -4.24
N ARG B 35 -32.42 -4.58 -4.06
CA ARG B 35 -31.95 -4.02 -2.80
C ARG B 35 -30.84 -4.80 -2.13
N TRP B 36 -29.68 -4.80 -2.78
CA TRP B 36 -28.53 -5.56 -2.33
C TRP B 36 -28.00 -5.15 -0.96
N TRP B 37 -28.32 -3.94 -0.52
CA TRP B 37 -27.78 -3.44 0.74
C TRP B 37 -28.48 -4.06 1.95
N GLU B 38 -29.55 -4.80 1.72
CA GLU B 38 -30.33 -5.37 2.81
C GLU B 38 -29.65 -6.62 3.37
N SER B 39 -28.96 -7.36 2.51
CA SER B 39 -28.23 -8.54 2.96
C SER B 39 -26.74 -8.47 2.62
N ALA B 40 -26.04 -9.57 2.80
CA ALA B 40 -24.64 -9.68 2.41
C ALA B 40 -24.55 -9.82 0.90
N LEU B 41 -23.56 -9.16 0.29
CA LEU B 41 -23.37 -9.25 -1.15
C LEU B 41 -23.21 -10.69 -1.60
N GLN B 42 -24.00 -11.10 -2.58
CA GLN B 42 -23.94 -12.46 -3.09
C GLN B 42 -22.81 -12.61 -4.10
N GLU B 43 -22.13 -13.74 -4.03
CA GLU B 43 -21.02 -14.10 -4.93
C GLU B 43 -20.00 -12.96 -5.03
N SER B 44 -19.64 -12.43 -3.88
CA SER B 44 -18.69 -11.34 -3.81
C SER B 44 -17.28 -11.90 -3.68
N ARG B 45 -16.29 -11.01 -3.71
CA ARG B 45 -14.90 -11.39 -3.50
C ARG B 45 -14.21 -10.29 -2.71
N ALA B 46 -13.05 -10.62 -2.15
CA ALA B 46 -12.31 -9.66 -1.34
C ALA B 46 -11.68 -8.58 -2.20
N ILE B 47 -11.80 -7.34 -1.74
CA ILE B 47 -11.17 -6.21 -2.41
C ILE B 47 -10.52 -5.33 -1.37
N ALA B 48 -9.52 -4.56 -1.78
CA ALA B 48 -8.78 -3.70 -0.86
C ALA B 48 -9.17 -2.24 -1.05
N VAL B 49 -9.47 -1.56 0.05
CA VAL B 49 -9.64 -0.11 0.01
C VAL B 49 -8.76 0.56 1.07
N PRO B 50 -8.11 1.68 0.70
CA PRO B 50 -8.27 2.38 -0.58
C PRO B 50 -7.58 1.71 -1.76
N GLY B 51 -8.06 2.00 -2.96
CA GLY B 51 -7.53 1.43 -4.19
C GLY B 51 -8.57 1.41 -5.30
N SER B 52 -8.12 1.52 -6.54
CA SER B 52 -8.99 1.35 -7.69
C SER B 52 -9.44 -0.09 -7.72
N PHE B 53 -10.62 -0.38 -8.24
CA PHE B 53 -11.03 -1.77 -8.34
C PHE B 53 -10.45 -2.41 -9.60
N ASN B 54 -9.99 -1.56 -10.52
CA ASN B 54 -9.65 -2.01 -11.87
C ASN B 54 -8.51 -3.04 -11.97
N ASP B 55 -7.38 -2.80 -11.30
CA ASP B 55 -6.21 -3.68 -11.50
C ASP B 55 -5.94 -4.66 -10.36
N GLN B 56 -6.86 -4.77 -9.42
CA GLN B 56 -6.62 -5.61 -8.25
C GLN B 56 -6.72 -7.09 -8.58
N PHE B 57 -7.36 -7.42 -9.71
CA PHE B 57 -7.75 -8.82 -9.95
C PHE B 57 -7.17 -9.45 -11.21
N ALA B 58 -6.24 -8.76 -11.87
CA ALA B 58 -5.64 -9.26 -13.09
C ALA B 58 -6.66 -9.63 -14.17
N ASP B 59 -7.76 -8.88 -14.22
CA ASP B 59 -8.89 -9.22 -15.08
C ASP B 59 -9.27 -8.06 -15.99
N ALA B 60 -9.18 -8.27 -17.30
CA ALA B 60 -9.51 -7.21 -18.26
C ALA B 60 -11.00 -6.91 -18.27
N ASP B 61 -11.82 -7.94 -18.06
CA ASP B 61 -13.27 -7.78 -18.06
C ASP B 61 -13.75 -6.99 -16.85
N ILE B 62 -12.94 -6.99 -15.79
CA ILE B 62 -13.22 -6.15 -14.64
C ILE B 62 -12.58 -4.77 -14.83
N ARG B 63 -11.40 -4.76 -15.45
CA ARG B 63 -10.66 -3.50 -15.65
C ARG B 63 -11.41 -2.53 -16.55
N ASN B 64 -12.03 -3.06 -17.60
CA ASN B 64 -12.70 -2.23 -18.60
C ASN B 64 -14.20 -2.12 -18.36
N TYR B 65 -14.63 -2.44 -17.14
CA TYR B 65 -16.04 -2.44 -16.79
C TYR B 65 -16.62 -1.04 -16.67
N ALA B 66 -17.86 -0.87 -17.11
CA ALA B 66 -18.55 0.40 -16.98
C ALA B 66 -19.94 0.18 -16.37
N GLY B 67 -20.21 0.85 -15.26
CA GLY B 67 -21.49 0.69 -14.59
C GLY B 67 -21.34 0.74 -13.09
N ASN B 68 -22.19 -0.02 -12.40
CA ASN B 68 -22.17 -0.04 -10.95
C ASN B 68 -21.38 -1.22 -10.40
N VAL B 69 -20.59 -0.93 -9.37
CA VAL B 69 -19.95 -1.94 -8.55
C VAL B 69 -20.40 -1.76 -7.11
N TRP B 70 -20.34 -2.82 -6.32
CA TRP B 70 -20.83 -2.78 -4.95
C TRP B 70 -19.75 -3.15 -3.94
N TYR B 71 -19.59 -2.28 -2.95
CA TYR B 71 -18.70 -2.54 -1.81
C TYR B 71 -19.55 -2.81 -0.58
N GLN B 72 -19.09 -3.71 0.28
CA GLN B 72 -19.81 -3.98 1.52
C GLN B 72 -18.88 -4.45 2.64
N ARG B 73 -19.19 -4.02 3.87
CA ARG B 73 -18.29 -4.26 5.00
C ARG B 73 -19.05 -4.12 6.32
N GLU B 74 -18.75 -4.98 7.29
CA GLU B 74 -19.32 -4.84 8.63
C GLU B 74 -18.31 -4.22 9.61
N VAL B 75 -18.82 -3.43 10.56
CA VAL B 75 -17.93 -2.72 11.49
C VAL B 75 -18.60 -2.46 12.84
N PHE B 76 -17.83 -2.55 13.92
CA PHE B 76 -18.34 -2.25 15.25
C PHE B 76 -18.20 -0.77 15.57
N ILE B 77 -19.23 -0.18 16.17
CA ILE B 77 -19.14 1.19 16.64
C ILE B 77 -18.68 1.18 18.10
N PRO B 78 -17.56 1.88 18.38
CA PRO B 78 -16.98 2.09 19.71
C PRO B 78 -17.99 2.37 20.81
N LYS B 79 -17.71 1.79 21.97
CA LYS B 79 -18.60 1.80 23.13
C LYS B 79 -18.78 3.19 23.74
N GLY B 80 -17.69 3.92 23.88
CA GLY B 80 -17.71 5.29 24.38
C GLY B 80 -18.25 6.35 23.44
N TRP B 81 -18.84 5.93 22.32
CA TRP B 81 -19.32 6.90 21.34
C TRP B 81 -20.79 7.22 21.62
N ALA B 82 -21.39 6.46 22.53
CA ALA B 82 -22.75 6.71 22.99
C ALA B 82 -22.86 8.13 23.54
N GLY B 83 -23.83 8.88 23.03
CA GLY B 83 -24.05 10.26 23.45
C GLY B 83 -23.32 11.25 22.56
N GLN B 84 -22.60 10.73 21.57
CA GLN B 84 -21.83 11.59 20.68
C GLN B 84 -22.44 11.65 19.30
N ARG B 85 -21.99 12.63 18.52
CA ARG B 85 -22.34 12.73 17.11
C ARG B 85 -21.40 11.86 16.29
N ILE B 86 -21.97 10.94 15.50
CA ILE B 86 -21.17 9.98 14.74
C ILE B 86 -21.31 10.22 13.25
N VAL B 87 -20.19 10.54 12.60
CA VAL B 87 -20.21 10.85 11.18
C VAL B 87 -19.50 9.78 10.35
N LEU B 88 -20.11 9.39 9.24
CA LEU B 88 -19.50 8.47 8.30
C LEU B 88 -18.98 9.23 7.09
N ARG B 89 -17.67 9.16 6.87
CA ARG B 89 -17.00 9.97 5.85
C ARG B 89 -16.21 9.15 4.82
N PHE B 90 -16.36 9.52 3.56
CA PHE B 90 -15.53 8.98 2.49
C PHE B 90 -14.65 10.10 1.94
N ASP B 91 -13.33 9.96 2.05
CA ASP B 91 -12.44 10.99 1.52
C ASP B 91 -12.57 11.12 0.01
N ALA B 92 -12.91 10.02 -0.65
CA ALA B 92 -13.17 10.02 -2.10
C ALA B 92 -13.74 8.68 -2.57
N VAL B 93 -14.86 8.75 -3.30
CA VAL B 93 -15.36 7.60 -4.03
C VAL B 93 -15.42 8.01 -5.50
N THR B 94 -14.66 7.35 -6.36
CA THR B 94 -14.38 7.95 -7.65
C THR B 94 -15.53 7.88 -8.63
N HIS B 95 -15.97 9.10 -8.95
CA HIS B 95 -17.17 9.48 -9.71
C HIS B 95 -18.39 9.42 -8.79
N TYR B 96 -19.09 8.30 -8.69
CA TYR B 96 -20.35 8.31 -7.94
C TYR B 96 -20.41 7.25 -6.84
N GLY B 97 -20.97 7.64 -5.69
CA GLY B 97 -21.21 6.71 -4.60
C GLY B 97 -22.53 6.95 -3.90
N LYS B 98 -23.20 5.86 -3.54
CA LYS B 98 -24.39 5.92 -2.70
C LYS B 98 -24.19 4.95 -1.54
N VAL B 99 -24.49 5.39 -0.32
CA VAL B 99 -24.14 4.63 0.88
C VAL B 99 -25.36 4.22 1.70
N TRP B 100 -25.37 2.97 2.14
CA TRP B 100 -26.41 2.48 3.05
C TRP B 100 -25.82 2.00 4.38
N VAL B 101 -26.39 2.44 5.49
CA VAL B 101 -26.06 1.85 6.76
C VAL B 101 -27.17 0.88 7.01
N ASN B 102 -26.82 -0.37 7.13
CA ASN B 102 -27.87 -1.34 7.30
C ASN B 102 -28.79 -1.06 6.13
N ASN B 103 -30.05 -0.80 6.45
CA ASN B 103 -31.07 -0.56 5.43
C ASN B 103 -31.35 0.92 5.16
N GLN B 104 -30.65 1.81 5.86
CA GLN B 104 -30.89 3.24 5.75
C GLN B 104 -29.92 3.91 4.79
N GLU B 105 -30.46 4.47 3.71
CA GLU B 105 -29.66 5.29 2.81
C GLU B 105 -29.25 6.57 3.52
N VAL B 106 -27.94 6.84 3.57
CA VAL B 106 -27.44 7.94 4.39
C VAL B 106 -26.76 9.06 3.61
N MSE B 107 -26.22 8.75 2.43
CA MSE B 107 -25.60 9.79 1.62
C MSE B 107 -25.43 9.41 0.16
O MSE B 107 -25.62 8.25 -0.23
CB MSE B 107 -24.25 10.19 2.19
CG MSE B 107 -23.18 9.13 2.03
SE MSE B 107 -21.64 9.51 3.15
CE MSE B 107 -22.28 8.63 4.78
N GLU B 108 -25.06 10.40 -0.64
CA GLU B 108 -24.96 10.29 -2.08
C GLU B 108 -23.97 11.36 -2.56
N HIS B 109 -23.19 11.07 -3.59
CA HIS B 109 -22.21 12.05 -4.08
C HIS B 109 -21.82 11.87 -5.54
N GLN B 110 -21.65 12.99 -6.23
CA GLN B 110 -21.11 12.98 -7.58
C GLN B 110 -19.87 13.85 -7.63
N GLY B 111 -18.78 13.29 -8.15
CA GLY B 111 -17.47 13.91 -8.05
C GLY B 111 -16.55 12.95 -7.35
N GLY B 112 -15.46 12.56 -8.02
CA GLY B 112 -14.68 11.43 -7.56
C GLY B 112 -13.42 11.69 -6.77
N TYR B 113 -13.17 12.95 -6.43
CA TYR B 113 -11.90 13.28 -5.82
C TYR B 113 -12.03 14.20 -4.60
N THR B 114 -13.25 14.33 -4.09
CA THR B 114 -13.50 15.19 -2.93
C THR B 114 -14.35 14.47 -1.88
N PRO B 115 -14.18 14.84 -0.60
CA PRO B 115 -14.86 14.12 0.48
C PRO B 115 -16.37 14.37 0.54
N PHE B 116 -17.07 13.43 1.15
CA PHE B 116 -18.47 13.59 1.53
C PHE B 116 -18.74 12.77 2.77
N GLU B 117 -19.52 13.32 3.68
CA GLU B 117 -19.75 12.71 4.98
C GLU B 117 -21.19 12.92 5.42
N ALA B 118 -21.67 12.08 6.33
CA ALA B 118 -23.02 12.23 6.86
C ALA B 118 -23.12 11.82 8.33
N ASP B 119 -23.87 12.62 9.09
CA ASP B 119 -24.22 12.28 10.47
C ASP B 119 -25.08 11.02 10.45
N VAL B 120 -24.57 9.93 11.03
CA VAL B 120 -25.31 8.66 11.02
C VAL B 120 -25.71 8.25 12.44
N THR B 121 -25.61 9.19 13.37
CA THR B 121 -25.95 8.94 14.78
C THR B 121 -27.32 8.24 14.99
N PRO B 122 -28.37 8.70 14.31
CA PRO B 122 -29.66 8.03 14.59
C PRO B 122 -29.76 6.63 13.98
N TYR B 123 -28.80 6.24 13.15
CA TYR B 123 -28.91 4.97 12.43
C TYR B 123 -27.91 3.93 12.91
N VAL B 124 -27.13 4.27 13.93
CA VAL B 124 -26.18 3.30 14.50
C VAL B 124 -26.38 3.19 16.01
N ILE B 125 -26.14 2.00 16.54
CA ILE B 125 -26.16 1.77 17.97
C ILE B 125 -24.75 1.43 18.43
N ALA B 126 -24.18 2.29 19.27
CA ALA B 126 -22.81 2.15 19.74
C ALA B 126 -22.61 0.86 20.54
N GLY B 127 -21.55 0.12 20.20
CA GLY B 127 -21.25 -1.13 20.86
C GLY B 127 -21.77 -2.30 20.06
N LYS B 128 -22.41 -2.00 18.93
CA LYS B 128 -22.91 -3.03 18.02
C LYS B 128 -22.27 -2.90 16.64
N SER B 129 -22.56 -3.87 15.78
CA SER B 129 -22.00 -3.91 14.43
C SER B 129 -23.04 -3.48 13.39
N VAL B 130 -22.59 -2.70 12.41
CA VAL B 130 -23.48 -2.24 11.34
C VAL B 130 -22.93 -2.60 9.97
N ARG B 131 -23.83 -2.93 9.06
CA ARG B 131 -23.48 -3.27 7.69
C ARG B 131 -23.36 -2.01 6.85
N ILE B 132 -22.25 -1.86 6.15
CA ILE B 132 -22.07 -0.70 5.30
C ILE B 132 -21.93 -1.10 3.84
N THR B 133 -22.81 -0.57 3.01
CA THR B 133 -22.85 -0.89 1.59
C THR B 133 -22.67 0.35 0.75
N VAL B 134 -21.81 0.27 -0.26
CA VAL B 134 -21.54 1.40 -1.11
C VAL B 134 -21.75 1.01 -2.57
N CYS B 135 -22.65 1.71 -3.26
CA CYS B 135 -22.82 1.52 -4.69
C CYS B 135 -21.96 2.55 -5.43
N VAL B 136 -20.99 2.05 -6.20
CA VAL B 136 -20.05 2.92 -6.89
C VAL B 136 -20.24 2.88 -8.41
N ASN B 137 -20.36 4.06 -9.01
CA ASN B 137 -20.59 4.18 -10.44
C ASN B 137 -19.43 4.92 -11.07
N ASN B 138 -19.01 4.46 -12.26
CA ASN B 138 -17.83 5.00 -12.91
C ASN B 138 -18.13 5.61 -14.28
N GLU B 139 -19.41 5.80 -14.56
CA GLU B 139 -19.83 6.33 -15.85
C GLU B 139 -19.67 7.84 -15.93
N LEU B 140 -19.30 8.32 -17.12
CA LEU B 140 -19.16 9.75 -17.36
C LEU B 140 -20.11 10.17 -18.47
N ASN B 141 -20.68 11.36 -18.33
CA ASN B 141 -21.52 11.95 -19.37
C ASN B 141 -21.13 13.41 -19.52
N TRP B 142 -21.91 14.17 -20.27
CA TRP B 142 -21.57 15.58 -20.50
C TRP B 142 -21.80 16.47 -19.29
N GLN B 143 -22.38 15.94 -18.22
CA GLN B 143 -22.61 16.72 -17.01
C GLN B 143 -21.68 16.31 -15.87
N THR B 144 -20.88 15.27 -16.08
CA THR B 144 -19.89 14.89 -15.08
C THR B 144 -18.62 15.72 -15.25
N ILE B 145 -17.88 15.85 -14.17
CA ILE B 145 -16.56 16.49 -14.18
C ILE B 145 -15.52 15.44 -13.78
N PRO B 146 -14.76 14.92 -14.75
CA PRO B 146 -14.69 15.31 -16.16
C PRO B 146 -15.83 14.72 -17.00
N PRO B 147 -16.06 15.28 -18.20
CA PRO B 147 -17.10 14.74 -19.11
C PRO B 147 -16.61 13.53 -19.89
N GLY B 148 -17.55 12.77 -20.44
CA GLY B 148 -17.25 11.65 -21.32
C GLY B 148 -18.56 11.26 -21.98
N MSE B 149 -18.56 10.15 -22.73
CA MSE B 149 -19.83 9.64 -23.24
C MSE B 149 -19.84 8.12 -23.34
O MSE B 149 -18.89 7.50 -23.80
CB MSE B 149 -20.18 10.27 -24.60
CG MSE B 149 -19.25 10.03 -25.78
SE MSE B 149 -19.82 11.17 -27.32
CE MSE B 149 -18.89 12.82 -26.92
N VAL B 150 -20.95 7.56 -22.86
CA VAL B 150 -21.14 6.13 -22.76
C VAL B 150 -21.81 5.57 -24.00
N ILE B 151 -21.23 4.50 -24.54
CA ILE B 151 -21.74 3.90 -25.77
C ILE B 151 -22.23 2.47 -25.53
N THR B 152 -23.49 2.25 -25.87
CA THR B 152 -24.12 0.95 -25.69
C THR B 152 -24.29 0.28 -27.04
N ASP B 153 -23.54 -0.80 -27.26
CA ASP B 153 -23.49 -1.47 -28.57
C ASP B 153 -24.73 -2.29 -28.92
N GLU B 154 -24.58 -3.06 -30.00
CA GLU B 154 -25.57 -4.04 -30.44
C GLU B 154 -26.20 -4.83 -29.29
N ASN B 155 -25.35 -5.40 -28.43
CA ASN B 155 -25.80 -6.36 -27.41
C ASN B 155 -26.22 -5.69 -26.12
N GLY B 156 -26.14 -4.37 -26.09
CA GLY B 156 -26.54 -3.64 -24.90
C GLY B 156 -25.40 -3.48 -23.91
N LYS B 157 -24.20 -3.83 -24.33
CA LYS B 157 -23.02 -3.75 -23.47
C LYS B 157 -22.45 -2.32 -23.46
N LYS B 158 -22.31 -1.77 -22.26
CA LYS B 158 -21.81 -0.41 -22.10
C LYS B 158 -20.32 -0.32 -22.35
N LYS B 159 -19.89 0.79 -22.92
CA LYS B 159 -18.48 1.02 -23.16
C LYS B 159 -18.19 2.51 -23.00
N GLN B 160 -17.24 2.85 -22.14
CA GLN B 160 -16.97 4.24 -21.79
C GLN B 160 -15.96 4.92 -22.72
N SER B 161 -16.33 6.09 -23.23
CA SER B 161 -15.40 6.92 -23.99
C SER B 161 -15.22 8.25 -23.28
N TYR B 162 -14.00 8.79 -23.34
CA TYR B 162 -13.69 10.05 -22.68
C TYR B 162 -12.53 10.72 -23.39
N PHE B 163 -12.09 11.88 -22.90
CA PHE B 163 -11.19 12.73 -23.68
C PHE B 163 -9.89 13.11 -22.99
N HIS B 164 -9.65 12.59 -21.79
CA HIS B 164 -8.41 12.87 -21.13
C HIS B 164 -7.41 11.71 -21.33
N ASP B 165 -6.15 11.95 -21.01
CA ASP B 165 -5.10 11.02 -21.36
C ASP B 165 -5.01 9.83 -20.40
N PHE B 166 -5.23 10.09 -19.12
CA PHE B 166 -5.08 9.05 -18.11
C PHE B 166 -6.25 8.08 -18.10
N PHE B 167 -5.99 6.85 -17.64
CA PHE B 167 -7.00 5.80 -17.59
C PHE B 167 -8.09 6.10 -16.57
N ASN B 168 -9.32 5.69 -16.89
CA ASN B 168 -10.48 5.98 -16.06
C ASN B 168 -10.60 5.05 -14.87
N TYR B 169 -9.60 5.05 -13.99
CA TYR B 169 -9.65 4.27 -12.78
C TYR B 169 -10.82 4.73 -11.89
N ALA B 170 -11.46 3.77 -11.24
CA ALA B 170 -12.59 4.08 -10.37
C ALA B 170 -12.58 3.17 -9.17
N GLY B 171 -13.43 3.47 -8.20
CA GLY B 171 -13.52 2.72 -6.97
C GLY B 171 -13.34 3.64 -5.77
N ILE B 172 -13.20 3.05 -4.58
CA ILE B 172 -12.96 3.86 -3.39
C ILE B 172 -11.46 4.10 -3.26
N HIS B 173 -11.01 5.21 -3.81
CA HIS B 173 -9.58 5.48 -3.96
C HIS B 173 -8.89 5.97 -2.70
N ARG B 174 -9.68 6.42 -1.73
CA ARG B 174 -9.11 7.03 -0.54
C ARG B 174 -9.78 6.56 0.74
N SER B 175 -9.30 7.09 1.85
CA SER B 175 -9.72 6.64 3.17
C SER B 175 -11.22 6.74 3.42
N VAL B 176 -11.75 5.73 4.10
CA VAL B 176 -13.10 5.73 4.62
C VAL B 176 -13.01 5.77 6.13
N MSE B 177 -13.84 6.59 6.78
CA MSE B 177 -13.73 6.68 8.23
C MSE B 177 -15.02 7.09 8.94
O MSE B 177 -15.77 7.97 8.48
CB MSE B 177 -12.61 7.65 8.61
CG MSE B 177 -12.89 9.10 8.26
SE MSE B 177 -11.30 10.21 8.38
CE MSE B 177 -10.64 9.93 6.58
N LEU B 178 -15.28 6.42 10.06
CA LEU B 178 -16.28 6.86 11.02
C LEU B 178 -15.59 7.78 12.01
N TYR B 179 -16.13 8.98 12.23
CA TYR B 179 -15.57 9.82 13.25
C TYR B 179 -16.63 10.50 14.11
N THR B 180 -16.21 10.97 15.27
CA THR B 180 -17.14 11.50 16.27
C THR B 180 -16.86 12.92 16.63
N THR B 181 -17.88 13.58 17.12
CA THR B 181 -17.74 14.92 17.63
C THR B 181 -18.76 15.10 18.75
N PRO B 182 -18.54 16.07 19.64
CA PRO B 182 -19.57 16.42 20.62
C PRO B 182 -20.76 17.07 19.90
N ASN B 183 -21.93 17.08 20.54
CA ASN B 183 -23.12 17.67 19.93
C ASN B 183 -22.97 19.17 19.70
N THR B 184 -21.99 19.76 20.38
CA THR B 184 -21.52 21.09 20.05
C THR B 184 -20.18 20.93 19.35
N TRP B 185 -20.08 21.38 18.10
CA TRP B 185 -18.87 21.11 17.33
C TRP B 185 -18.53 22.22 16.33
N VAL B 186 -17.23 22.40 16.11
CA VAL B 186 -16.74 23.28 15.06
C VAL B 186 -17.07 22.66 13.72
N ASP B 187 -17.79 23.40 12.88
CA ASP B 187 -18.29 22.80 11.66
C ASP B 187 -17.53 23.30 10.44
N ASP B 188 -16.96 24.50 10.56
CA ASP B 188 -16.17 25.10 9.48
C ASP B 188 -15.22 26.15 10.00
N ILE B 189 -14.08 26.29 9.33
CA ILE B 189 -13.08 27.29 9.68
C ILE B 189 -12.48 27.88 8.40
N THR B 190 -12.32 29.20 8.38
CA THR B 190 -11.64 29.85 7.28
C THR B 190 -10.58 30.80 7.83
N VAL B 191 -9.36 30.72 7.30
CA VAL B 191 -8.30 31.57 7.79
C VAL B 191 -7.58 32.28 6.64
N VAL B 192 -7.38 33.58 6.79
CA VAL B 192 -6.59 34.36 5.85
C VAL B 192 -5.43 35.03 6.59
N THR B 193 -4.22 34.85 6.07
CA THR B 193 -3.03 35.34 6.75
C THR B 193 -2.37 36.45 5.93
N HIS B 194 -2.47 37.68 6.44
CA HIS B 194 -1.89 38.82 5.76
C HIS B 194 -0.45 39.02 6.20
N VAL B 195 0.41 39.44 5.28
CA VAL B 195 1.79 39.72 5.62
C VAL B 195 2.17 41.03 4.95
N ALA B 196 3.10 41.74 5.56
CA ALA B 196 3.46 43.07 5.08
C ALA B 196 4.94 43.37 5.16
N GLN B 197 5.70 42.93 4.18
CA GLN B 197 7.14 43.18 4.21
C GLN B 197 7.77 42.36 5.36
N ASP B 198 7.00 41.38 5.82
CA ASP B 198 7.48 40.19 6.50
C ASP B 198 7.99 40.38 7.89
N CYS B 199 7.79 41.55 8.48
CA CYS B 199 8.20 41.74 9.86
C CYS B 199 7.05 41.72 10.80
N ASN B 200 5.87 41.43 10.30
CA ASN B 200 4.71 41.74 11.15
C ASN B 200 3.35 41.34 10.54
N HIS B 201 2.43 40.94 11.43
CA HIS B 201 1.01 40.69 11.12
C HIS B 201 0.83 39.56 10.09
N ALA B 202 -0.39 39.18 9.69
CA ALA B 202 -1.69 39.36 10.35
C ALA B 202 -2.49 38.07 10.13
N SER B 203 -3.47 37.78 10.99
CA SER B 203 -4.27 36.56 10.76
C SER B 203 -5.78 36.70 11.02
N VAL B 204 -6.52 36.82 9.92
CA VAL B 204 -7.99 36.87 9.92
C VAL B 204 -8.58 35.47 9.81
N ASP B 205 -9.63 35.23 10.57
CA ASP B 205 -10.26 33.92 10.62
C ASP B 205 -11.75 34.04 10.32
N TRP B 206 -12.41 32.92 10.08
CA TRP B 206 -13.86 32.90 10.16
C TRP B 206 -14.33 31.49 10.51
N GLN B 207 -15.07 31.35 11.62
CA GLN B 207 -15.49 30.02 12.08
C GLN B 207 -17.00 29.90 12.14
N VAL B 208 -17.50 28.84 11.52
CA VAL B 208 -18.90 28.51 11.60
C VAL B 208 -19.16 27.36 12.56
N VAL B 209 -19.91 27.70 13.59
CA VAL B 209 -20.34 26.76 14.61
C VAL B 209 -21.83 26.45 14.48
N ALA B 210 -22.16 25.17 14.48
CA ALA B 210 -23.55 24.78 14.49
C ALA B 210 -24.24 25.24 15.78
N ASN B 211 -23.53 25.20 16.91
CA ASN B 211 -24.19 25.40 18.21
C ASN B 211 -23.32 25.62 19.46
N GLY B 212 -22.38 26.57 19.42
CA GLY B 212 -21.56 26.85 20.59
C GLY B 212 -20.78 28.15 20.57
N ASP B 213 -20.26 28.56 21.73
CA ASP B 213 -19.44 29.78 21.82
C ASP B 213 -17.98 29.52 21.48
N VAL B 214 -17.37 30.48 20.80
CA VAL B 214 -16.08 30.27 20.18
C VAL B 214 -14.95 31.07 20.79
N SER B 215 -13.88 30.36 21.14
CA SER B 215 -12.64 30.98 21.53
C SER B 215 -11.54 30.51 20.58
N VAL B 216 -10.50 31.34 20.41
CA VAL B 216 -9.46 31.07 19.45
C VAL B 216 -8.08 31.44 20.00
N GLU B 217 -7.15 30.50 19.87
CA GLU B 217 -5.79 30.72 20.33
C GLU B 217 -4.78 30.24 19.29
N LEU B 218 -3.70 30.99 19.13
CA LEU B 218 -2.68 30.66 18.14
C LEU B 218 -1.34 30.33 18.80
N ARG B 219 -0.86 29.11 18.58
CA ARG B 219 0.41 28.67 19.14
C ARG B 219 1.44 28.43 18.04
N ASP B 220 2.71 28.69 18.34
CA ASP B 220 3.77 28.48 17.36
C ASP B 220 4.25 27.03 17.42
N ALA B 221 5.39 26.76 16.78
CA ALA B 221 5.95 25.41 16.73
C ALA B 221 6.44 24.94 18.10
N ASP B 222 6.88 25.89 18.92
CA ASP B 222 7.30 25.59 20.30
C ASP B 222 6.10 25.47 21.23
N GLN B 223 4.91 25.60 20.66
CA GLN B 223 3.63 25.52 21.38
C GLN B 223 3.40 26.73 22.27
N GLN B 224 4.18 27.78 22.08
CA GLN B 224 3.96 29.04 22.78
C GLN B 224 2.74 29.74 22.23
N VAL B 225 1.78 30.03 23.09
CA VAL B 225 0.63 30.86 22.69
C VAL B 225 1.14 32.24 22.34
N VAL B 226 0.79 32.73 21.14
CA VAL B 226 1.33 34.00 20.66
C VAL B 226 0.22 35.03 20.42
N ALA B 227 -1.03 34.55 20.40
CA ALA B 227 -2.18 35.43 20.19
C ALA B 227 -3.47 34.71 20.55
N THR B 228 -4.48 35.50 20.93
CA THR B 228 -5.77 34.95 21.33
C THR B 228 -6.91 35.85 20.85
N GLY B 229 -8.12 35.30 20.83
CA GLY B 229 -9.27 36.05 20.36
C GLY B 229 -10.59 35.39 20.69
N GLN B 230 -11.64 36.18 20.71
CA GLN B 230 -12.98 35.69 20.99
C GLN B 230 -13.96 36.08 19.89
N GLY B 231 -15.04 35.32 19.80
CA GLY B 231 -16.09 35.59 18.83
C GLY B 231 -16.11 34.56 17.71
N THR B 232 -17.30 34.35 17.16
CA THR B 232 -17.50 33.37 16.09
C THR B 232 -16.69 33.70 14.84
N SER B 233 -16.28 34.96 14.67
CA SER B 233 -15.56 35.34 13.47
C SER B 233 -14.72 36.62 13.53
N GLY B 234 -14.73 37.30 14.67
CA GLY B 234 -14.10 38.60 14.78
C GLY B 234 -12.58 38.69 14.77
N THR B 235 -11.92 37.59 15.09
CA THR B 235 -10.46 37.50 15.05
C THR B 235 -9.75 38.02 13.79
N LEU B 236 -8.82 38.93 14.03
CA LEU B 236 -7.85 39.40 13.05
C LEU B 236 -6.54 39.53 13.82
N GLN B 237 -5.91 38.39 14.11
CA GLN B 237 -4.74 38.39 14.99
C GLN B 237 -3.47 39.13 14.51
N VAL B 238 -2.58 39.34 15.49
CA VAL B 238 -1.45 40.24 15.32
C VAL B 238 -0.18 39.55 15.76
N VAL B 239 0.77 39.47 14.83
CA VAL B 239 1.98 38.69 15.05
C VAL B 239 3.21 39.37 14.44
N ASN B 240 4.36 39.17 15.07
CA ASN B 240 5.64 39.33 14.38
C ASN B 240 6.13 37.91 14.14
N PRO B 241 5.82 37.36 12.96
CA PRO B 241 5.72 35.92 12.70
C PRO B 241 6.90 35.29 11.97
N HIS B 242 7.04 33.98 12.15
CA HIS B 242 7.93 33.17 11.33
C HIS B 242 7.08 32.76 10.13
N LEU B 243 7.38 33.28 8.95
CA LEU B 243 6.46 33.07 7.83
C LEU B 243 6.71 31.74 7.13
N TRP B 244 5.63 31.17 6.64
CA TRP B 244 5.67 29.96 5.85
C TRP B 244 6.44 30.22 4.55
N GLN B 245 7.61 29.60 4.43
CA GLN B 245 8.47 29.81 3.27
C GLN B 245 8.72 28.51 2.50
N PRO B 246 8.81 28.62 1.16
CA PRO B 246 9.15 27.50 0.29
C PRO B 246 10.47 26.85 0.72
N GLY B 247 10.48 25.53 0.79
CA GLY B 247 11.67 24.79 1.20
C GLY B 247 11.74 24.51 2.69
N GLU B 248 10.95 25.24 3.48
CA GLU B 248 10.88 24.96 4.92
C GLU B 248 9.44 24.79 5.39
N GLY B 249 8.60 25.80 5.18
CA GLY B 249 7.19 25.69 5.49
C GLY B 249 6.83 25.66 6.97
N TYR B 250 7.28 26.66 7.70
CA TYR B 250 6.94 26.82 9.11
C TYR B 250 5.43 26.86 9.30
N LEU B 251 4.93 26.17 10.32
CA LEU B 251 3.49 26.12 10.57
C LEU B 251 3.12 26.52 12.01
N TYR B 252 2.08 27.34 12.14
CA TYR B 252 1.50 27.65 13.44
C TYR B 252 0.33 26.71 13.70
N GLU B 253 -0.16 26.69 14.93
CA GLU B 253 -1.38 25.95 15.23
C GLU B 253 -2.48 26.88 15.73
N LEU B 254 -3.59 26.90 15.01
CA LEU B 254 -4.76 27.66 15.44
C LEU B 254 -5.76 26.72 16.10
N CYS B 255 -5.79 26.75 17.43
CA CYS B 255 -6.71 25.92 18.18
C CYS B 255 -8.06 26.60 18.27
N VAL B 256 -9.09 25.96 17.73
CA VAL B 256 -10.43 26.52 17.75
C VAL B 256 -11.31 25.75 18.73
N THR B 257 -11.86 26.47 19.70
CA THR B 257 -12.70 25.85 20.71
C THR B 257 -14.15 26.28 20.56
N ALA B 258 -15.07 25.35 20.79
CA ALA B 258 -16.48 25.63 20.70
C ALA B 258 -17.19 25.15 21.94
N LYS B 259 -17.67 26.11 22.73
CA LYS B 259 -18.19 25.79 24.04
C LYS B 259 -19.70 25.90 24.18
N SER B 260 -20.30 24.80 24.64
CA SER B 260 -21.58 24.87 25.29
C SER B 260 -21.03 24.97 26.72
N GLN B 261 -21.81 24.69 27.76
CA GLN B 261 -21.19 24.44 29.06
C GLN B 261 -21.62 23.11 29.70
N THR B 262 -22.04 22.20 28.82
CA THR B 262 -22.14 20.80 29.19
C THR B 262 -21.14 20.14 28.26
N GLU B 263 -20.89 20.77 27.11
CA GLU B 263 -19.98 20.21 26.11
C GLU B 263 -18.95 21.22 25.59
N CYS B 264 -17.78 20.71 25.22
CA CYS B 264 -16.74 21.53 24.60
C CYS B 264 -16.10 20.81 23.40
N ASP B 265 -15.65 21.59 22.42
CA ASP B 265 -15.04 21.02 21.21
C ASP B 265 -13.79 21.78 20.81
N ILE B 266 -12.71 21.05 20.58
CA ILE B 266 -11.41 21.64 20.28
C ILE B 266 -10.92 21.22 18.90
N TYR B 267 -10.53 22.17 18.06
CA TYR B 267 -9.99 21.85 16.73
C TYR B 267 -8.66 22.57 16.43
N PRO B 268 -7.60 21.79 16.17
CA PRO B 268 -6.29 22.31 15.78
C PRO B 268 -6.22 22.47 14.28
N LEU B 269 -5.93 23.68 13.82
CA LEU B 269 -5.81 23.91 12.40
C LEU B 269 -4.40 24.40 12.12
N ARG B 270 -3.70 23.69 11.24
CA ARG B 270 -2.36 24.13 10.86
C ARG B 270 -2.46 25.38 10.02
N VAL B 271 -1.67 26.39 10.37
CA VAL B 271 -1.72 27.65 9.66
C VAL B 271 -0.33 28.06 9.19
N GLY B 272 -0.22 28.36 7.90
CA GLY B 272 1.02 28.86 7.35
C GLY B 272 0.83 30.32 6.99
N ILE B 273 1.62 31.19 7.62
CA ILE B 273 1.49 32.61 7.40
C ILE B 273 2.32 33.02 6.19
N ARG B 274 1.62 33.28 5.09
CA ARG B 274 2.25 33.65 3.84
C ARG B 274 1.31 34.46 2.97
N SER B 275 1.89 35.23 2.05
CA SER B 275 1.09 35.95 1.06
C SER B 275 1.39 35.44 -0.34
N VAL B 276 0.34 35.32 -1.16
CA VAL B 276 0.48 34.95 -2.56
C VAL B 276 -0.18 36.00 -3.45
N ALA B 277 0.58 36.57 -4.39
CA ALA B 277 0.05 37.61 -5.25
C ALA B 277 0.76 37.71 -6.59
N VAL B 278 0.02 38.13 -7.60
CA VAL B 278 0.57 38.45 -8.90
C VAL B 278 0.83 39.94 -9.03
N LYS B 279 2.02 40.32 -9.50
CA LYS B 279 2.28 41.73 -9.76
C LYS B 279 3.07 41.88 -11.06
N GLY B 280 2.37 42.28 -12.11
CA GLY B 280 2.95 42.40 -13.44
C GLY B 280 3.26 41.03 -14.02
N GLU B 281 4.53 40.78 -14.30
CA GLU B 281 4.96 39.51 -14.89
C GLU B 281 5.53 38.57 -13.84
N GLN B 282 5.40 38.94 -12.58
CA GLN B 282 6.00 38.17 -11.50
C GLN B 282 4.98 37.51 -10.58
N PHE B 283 5.36 36.34 -10.08
CA PHE B 283 4.57 35.66 -9.06
C PHE B 283 5.24 35.84 -7.70
N LEU B 284 4.50 36.41 -6.75
CA LEU B 284 5.09 36.79 -5.48
C LEU B 284 4.59 35.95 -4.34
N ILE B 285 5.53 35.31 -3.64
CA ILE B 285 5.24 34.67 -2.37
C ILE B 285 5.96 35.45 -1.29
N ASN B 286 5.18 35.96 -0.33
CA ASN B 286 5.70 36.86 0.69
C ASN B 286 6.44 38.04 0.07
N HIS B 287 5.84 38.61 -0.98
CA HIS B 287 6.38 39.79 -1.66
C HIS B 287 7.77 39.52 -2.24
N LYS B 288 8.01 38.26 -2.58
CA LYS B 288 9.27 37.86 -3.19
C LYS B 288 8.98 37.08 -4.47
N PRO B 289 9.65 37.43 -5.57
CA PRO B 289 9.45 36.74 -6.85
C PRO B 289 9.86 35.28 -6.76
N PHE B 290 8.92 34.39 -7.05
CA PHE B 290 9.18 32.96 -6.92
C PHE B 290 9.28 32.30 -8.29
N TYR B 291 10.16 31.33 -8.42
CA TYR B 291 10.27 30.57 -9.66
C TYR B 291 9.97 29.09 -9.43
N PHE B 292 8.94 28.60 -10.12
CA PHE B 292 8.49 27.23 -9.98
C PHE B 292 9.40 26.25 -10.72
N THR B 293 9.74 25.16 -10.04
CA THR B 293 10.33 24.00 -10.72
C THR B 293 9.57 22.77 -10.26
N GLY B 294 9.52 21.76 -11.11
CA GLY B 294 8.88 20.52 -10.71
C GLY B 294 8.13 19.78 -11.80
N PHE B 295 6.99 19.23 -11.41
CA PHE B 295 6.28 18.29 -12.28
C PHE B 295 4.79 18.52 -12.34
N GLY B 296 4.19 18.05 -13.43
CA GLY B 296 2.79 17.69 -13.41
C GLY B 296 2.82 16.23 -12.98
N ARG B 297 1.87 15.84 -12.14
CA ARG B 297 1.90 14.48 -11.62
C ARG B 297 0.66 13.70 -12.00
N HIS B 298 0.51 12.56 -11.36
CA HIS B 298 -0.69 11.76 -11.46
C HIS B 298 -0.78 10.87 -10.23
N GLU B 299 -2.00 10.51 -9.87
CA GLU B 299 -2.21 9.50 -8.85
C GLU B 299 -2.34 8.18 -9.58
N ASP B 300 -1.22 7.48 -9.67
CA ASP B 300 -1.11 6.30 -10.52
C ASP B 300 0.02 5.42 -10.00
N ALA B 301 -0.26 4.15 -9.86
CA ALA B 301 0.73 3.20 -9.46
C ALA B 301 0.28 1.82 -9.84
N ASP B 302 1.23 0.91 -9.86
CA ASP B 302 1.00 -0.43 -10.23
C ASP B 302 0.03 -1.04 -9.26
N LEU B 303 -0.89 -1.83 -9.78
CA LEU B 303 -1.79 -2.62 -8.99
C LEU B 303 -2.93 -1.88 -8.28
N ARG B 304 -2.62 -0.76 -7.68
CA ARG B 304 -3.60 -0.03 -6.91
C ARG B 304 -4.38 1.04 -7.68
N GLY B 305 -3.98 1.32 -8.90
CA GLY B 305 -4.55 2.42 -9.64
C GLY B 305 -4.27 3.79 -9.08
N LYS B 306 -5.34 4.51 -8.78
CA LYS B 306 -5.29 5.84 -8.20
C LYS B 306 -5.43 5.70 -6.73
N GLY B 307 -5.39 4.47 -6.28
CA GLY B 307 -5.50 4.18 -4.86
C GLY B 307 -4.40 4.86 -4.09
N PHE B 308 -4.76 5.38 -2.93
CA PHE B 308 -3.84 6.11 -2.08
C PHE B 308 -2.86 5.21 -1.34
N ASP B 309 -1.62 5.68 -1.10
CA ASP B 309 -0.63 4.84 -0.42
C ASP B 309 0.55 5.60 0.21
N ASN B 310 0.78 5.36 1.51
CA ASN B 310 1.82 6.07 2.25
C ASN B 310 3.27 5.83 1.79
N VAL B 311 3.64 4.59 1.51
CA VAL B 311 5.00 4.29 1.05
C VAL B 311 5.30 5.05 -0.24
N LEU B 312 4.38 5.03 -1.16
CA LEU B 312 4.51 5.72 -2.42
C LEU B 312 4.61 7.22 -2.25
N MSE B 313 3.85 7.77 -1.33
CA MSE B 313 3.99 9.17 -1.03
C MSE B 313 5.32 9.48 -0.45
O MSE B 313 5.86 10.50 -0.78
CB MSE B 313 2.81 9.72 -0.24
CG MSE B 313 3.08 11.08 0.35
SE MSE B 313 1.52 11.78 1.25
CE MSE B 313 0.28 10.30 1.23
N VAL B 314 5.85 8.65 0.42
CA VAL B 314 7.19 8.90 0.93
C VAL B 314 8.31 8.81 -0.11
N HIS B 315 8.28 7.79 -0.94
CA HIS B 315 9.28 7.64 -1.96
C HIS B 315 9.27 8.72 -3.01
N ASP B 316 8.12 9.06 -3.52
CA ASP B 316 8.03 10.10 -4.56
C ASP B 316 8.56 11.43 -4.07
N HIS B 317 8.33 11.73 -2.79
CA HIS B 317 8.76 12.99 -2.23
C HIS B 317 10.26 12.98 -2.01
N ALA B 318 10.80 11.82 -1.68
CA ALA B 318 12.24 11.69 -1.53
C ALA B 318 12.87 11.97 -2.89
N LEU B 319 12.18 11.55 -3.93
CA LEU B 319 12.67 11.76 -5.29
C LEU B 319 12.61 13.21 -5.76
N MSE B 320 11.50 13.91 -5.53
CA MSE B 320 11.43 15.26 -6.08
C MSE B 320 12.02 16.28 -5.10
O MSE B 320 12.13 17.46 -5.43
CB MSE B 320 10.00 15.65 -6.48
CG MSE B 320 8.96 15.98 -5.43
SE MSE B 320 7.17 15.95 -6.34
CE MSE B 320 6.83 14.06 -6.04
N ASP B 321 12.41 15.82 -3.92
CA ASP B 321 13.29 16.60 -3.05
C ASP B 321 14.72 16.49 -3.57
N TRP B 322 15.13 15.27 -3.87
CA TRP B 322 16.44 15.00 -4.42
C TRP B 322 16.66 15.70 -5.76
N ILE B 323 15.61 15.73 -6.59
CA ILE B 323 15.74 16.24 -7.95
C ILE B 323 15.68 17.77 -7.98
N GLY B 324 15.23 18.38 -6.89
CA GLY B 324 15.23 19.82 -6.78
C GLY B 324 13.93 20.48 -7.21
N ALA B 325 12.87 19.68 -7.32
CA ALA B 325 11.55 20.23 -7.60
C ALA B 325 11.05 21.00 -6.39
N ASN B 326 10.62 22.24 -6.59
CA ASN B 326 10.08 23.04 -5.51
C ASN B 326 8.56 23.09 -5.55
N SER B 327 7.97 22.51 -6.58
CA SER B 327 6.53 22.62 -6.77
C SER B 327 5.97 21.52 -7.65
N TYR B 328 4.64 21.41 -7.67
CA TYR B 328 3.95 20.56 -8.63
C TYR B 328 2.49 20.97 -8.77
N ARG B 329 1.79 20.30 -9.68
CA ARG B 329 0.39 20.58 -9.95
C ARG B 329 -0.45 19.31 -9.87
N THR B 330 -1.58 19.38 -9.15
CA THR B 330 -2.44 18.21 -8.97
C THR B 330 -3.17 17.90 -10.27
N SER B 331 -2.43 17.38 -11.23
CA SER B 331 -2.87 17.29 -12.62
C SER B 331 -4.20 16.57 -12.84
N HIS B 332 -5.19 17.38 -13.20
CA HIS B 332 -6.45 16.95 -13.82
C HIS B 332 -7.45 16.34 -12.83
N TYR B 333 -7.15 16.47 -11.54
CA TYR B 333 -8.08 16.11 -10.47
C TYR B 333 -7.50 16.48 -9.10
N PRO B 334 -8.38 16.73 -8.12
CA PRO B 334 -7.95 16.95 -6.74
C PRO B 334 -7.26 15.72 -6.16
N TYR B 335 -6.12 15.95 -5.51
CA TYR B 335 -5.36 14.85 -4.92
C TYR B 335 -5.83 14.56 -3.50
N ALA B 336 -5.38 13.43 -2.95
CA ALA B 336 -5.66 13.09 -1.56
C ALA B 336 -5.05 14.16 -0.64
N GLU B 337 -5.75 14.49 0.44
CA GLU B 337 -5.39 15.63 1.27
C GLU B 337 -4.07 15.50 2.03
N GLU B 338 -3.64 14.27 2.20
CA GLU B 338 -2.40 13.97 2.86
C GLU B 338 -1.23 14.55 2.12
N MSE B 339 -1.31 14.59 0.81
CA MSE B 339 -0.27 15.23 0.04
C MSE B 339 -0.17 16.69 0.32
O MSE B 339 0.95 17.20 0.37
CB MSE B 339 -0.50 15.10 -1.45
CG MSE B 339 -0.78 13.71 -1.94
SE MSE B 339 0.87 12.85 -2.44
CE MSE B 339 1.93 14.19 -3.36
N LEU B 340 -1.30 17.38 0.46
CA LEU B 340 -1.27 18.80 0.76
C LEU B 340 -0.68 19.01 2.15
N ASP B 341 -1.07 18.14 3.05
CA ASP B 341 -0.55 18.10 4.41
C ASP B 341 0.96 17.97 4.36
N TRP B 342 1.46 17.10 3.49
CA TRP B 342 2.90 16.93 3.31
C TRP B 342 3.52 18.22 2.81
N ALA B 343 2.91 18.80 1.78
CA ALA B 343 3.41 20.03 1.18
C ALA B 343 3.41 21.18 2.19
N ASP B 344 2.36 21.28 3.01
CA ASP B 344 2.28 22.32 4.04
C ASP B 344 3.47 22.23 4.99
N GLU B 345 3.78 21.00 5.39
CA GLU B 345 4.80 20.75 6.40
C GLU B 345 6.22 20.90 5.86
N HIS B 346 6.40 20.60 4.58
CA HIS B 346 7.74 20.61 3.96
C HIS B 346 8.03 21.83 3.08
N GLY B 347 7.08 22.74 2.98
CA GLY B 347 7.27 23.97 2.22
C GLY B 347 7.28 23.76 0.72
N ILE B 348 6.36 22.93 0.25
CA ILE B 348 6.26 22.63 -1.16
C ILE B 348 5.10 23.39 -1.80
N VAL B 349 5.38 24.09 -2.90
CA VAL B 349 4.38 24.89 -3.59
C VAL B 349 3.48 24.05 -4.50
N VAL B 350 2.17 24.29 -4.44
CA VAL B 350 1.22 23.46 -5.17
C VAL B 350 0.23 24.26 -5.99
N ILE B 351 0.04 23.86 -7.24
CA ILE B 351 -1.04 24.38 -8.06
C ILE B 351 -2.21 23.39 -7.97
N ASP B 352 -3.25 23.79 -7.25
CA ASP B 352 -4.39 22.89 -7.02
C ASP B 352 -5.38 22.96 -8.17
N GLU B 353 -5.75 21.81 -8.70
CA GLU B 353 -6.55 21.77 -9.92
C GLU B 353 -7.81 20.90 -9.80
N THR B 354 -8.88 21.37 -10.42
CA THR B 354 -10.13 20.61 -10.50
C THR B 354 -10.00 19.45 -11.48
N ALA B 355 -11.05 18.63 -11.56
CA ALA B 355 -11.06 17.49 -12.46
C ALA B 355 -11.62 17.86 -13.84
N ALA B 356 -11.71 19.15 -14.10
CA ALA B 356 -12.30 19.65 -15.34
C ALA B 356 -11.31 19.54 -16.51
N VAL B 357 -11.12 18.32 -16.99
CA VAL B 357 -10.26 18.05 -18.13
C VAL B 357 -11.10 17.29 -19.16
N GLY B 358 -10.81 17.48 -20.44
CA GLY B 358 -11.53 16.78 -21.49
C GLY B 358 -12.56 17.65 -22.18
N PHE B 359 -12.58 18.94 -21.84
CA PHE B 359 -13.47 19.89 -22.50
C PHE B 359 -12.87 20.29 -23.84
N ASN B 360 -12.62 19.29 -24.65
CA ASN B 360 -11.96 19.49 -25.91
C ASN B 360 -12.28 18.32 -26.81
N LEU B 361 -12.56 18.56 -28.08
CA LEU B 361 -12.85 17.49 -29.00
C LEU B 361 -11.90 17.48 -30.15
N SER B 362 -10.87 18.28 -30.06
CA SER B 362 -9.90 18.40 -31.11
C SER B 362 -8.48 17.92 -30.78
N LEU B 363 -8.32 17.17 -29.70
CA LEU B 363 -7.00 16.71 -29.32
C LEU B 363 -6.44 15.78 -30.37
N GLY B 364 -7.27 14.92 -30.92
CA GLY B 364 -6.88 14.13 -32.05
C GLY B 364 -6.07 12.88 -31.84
N ILE B 365 -5.94 12.43 -30.61
CA ILE B 365 -5.30 11.16 -30.38
C ILE B 365 -6.38 10.11 -30.16
N GLY B 366 -6.48 9.20 -31.11
CA GLY B 366 -7.50 8.17 -31.08
C GLY B 366 -8.22 8.09 -32.41
N PHE B 367 -8.98 7.01 -32.61
CA PHE B 367 -9.72 6.80 -33.84
C PHE B 367 -11.07 7.51 -33.79
N ALA B 369 -14.09 8.70 -35.47
CA ALA B 369 -15.15 7.72 -35.44
C ALA B 369 -16.53 8.35 -35.24
N ASN B 371 -18.58 10.40 -34.18
CA ASN B 371 -19.89 10.39 -33.54
C ASN B 371 -19.92 11.39 -32.41
N LYS B 372 -19.23 12.49 -32.61
CA LYS B 372 -19.12 13.52 -31.58
C LYS B 372 -19.86 14.80 -31.92
N PRO B 373 -20.44 15.47 -30.84
CA PRO B 373 -21.14 16.70 -31.19
C PRO B 373 -20.31 17.68 -31.96
N LYS B 374 -20.92 18.56 -32.73
CA LYS B 374 -20.15 19.51 -33.53
C LYS B 374 -19.96 20.82 -32.78
N GLU B 375 -20.88 21.13 -31.87
CA GLU B 375 -20.75 22.32 -31.06
C GLU B 375 -20.39 21.94 -29.63
N LEU B 376 -19.16 22.24 -29.23
CA LEU B 376 -18.66 21.87 -27.91
C LEU B 376 -19.52 22.48 -26.81
N TYR B 377 -19.81 23.77 -26.93
CA TYR B 377 -20.65 24.44 -25.94
C TYR B 377 -22.10 24.56 -26.42
N SER B 378 -22.89 23.53 -26.14
CA SER B 378 -24.29 23.46 -26.54
C SER B 378 -25.01 22.40 -25.72
N GLU B 379 -26.33 22.34 -25.86
CA GLU B 379 -27.16 21.44 -25.06
C GLU B 379 -26.76 19.97 -25.24
N GLU B 380 -26.29 19.62 -26.42
CA GLU B 380 -25.93 18.23 -26.72
C GLU B 380 -24.56 17.87 -26.16
N ALA B 381 -23.84 18.87 -25.68
CA ALA B 381 -22.53 18.65 -25.09
C ALA B 381 -22.37 19.41 -23.78
N VAL B 382 -21.41 20.33 -23.76
CA VAL B 382 -21.19 21.18 -22.61
C VAL B 382 -22.29 22.23 -22.51
N ASN B 383 -23.22 22.02 -21.58
CA ASN B 383 -24.35 22.92 -21.47
C ASN B 383 -24.40 23.63 -20.12
N GLY B 384 -25.56 24.19 -19.80
CA GLY B 384 -25.74 24.96 -18.58
C GLY B 384 -25.69 24.11 -17.32
N GLU B 385 -26.17 22.88 -17.42
CA GLU B 385 -26.12 21.94 -16.32
C GLU B 385 -24.69 21.49 -16.06
N THR B 386 -23.91 21.41 -17.14
CA THR B 386 -22.50 21.07 -17.06
C THR B 386 -21.73 22.16 -16.32
N GLN B 387 -22.01 23.40 -16.66
CA GLN B 387 -21.44 24.56 -15.98
C GLN B 387 -21.76 24.54 -14.49
N GLN B 388 -22.97 24.09 -14.16
CA GLN B 388 -23.41 24.04 -12.77
C GLN B 388 -22.62 22.97 -12.01
N ALA B 389 -22.40 21.84 -12.65
CA ALA B 389 -21.58 20.77 -12.08
C ALA B 389 -20.13 21.22 -11.95
N HIS B 390 -19.69 21.98 -12.95
CA HIS B 390 -18.34 22.51 -12.97
C HIS B 390 -18.14 23.46 -11.80
N LEU B 391 -19.11 24.36 -11.60
CA LEU B 391 -19.06 25.29 -10.50
C LEU B 391 -19.07 24.54 -9.16
N GLN B 392 -19.92 23.53 -9.08
CA GLN B 392 -20.03 22.70 -7.89
C GLN B 392 -18.70 22.04 -7.55
N ALA B 393 -17.99 21.59 -8.59
CA ALA B 393 -16.69 20.96 -8.42
C ALA B 393 -15.66 21.95 -7.89
N ILE B 394 -15.71 23.19 -8.37
CA ILE B 394 -14.84 24.24 -7.87
C ILE B 394 -15.16 24.55 -6.41
N LYS B 395 -16.44 24.51 -6.08
CA LYS B 395 -16.88 24.80 -4.72
C LYS B 395 -16.31 23.78 -3.74
N GLU B 396 -16.48 22.50 -4.08
CA GLU B 396 -16.07 21.42 -3.22
C GLU B 396 -14.54 21.38 -3.06
N LEU B 397 -13.82 21.77 -4.12
CA LEU B 397 -12.37 21.80 -4.06
C LEU B 397 -11.85 22.88 -3.12
N ILE B 398 -12.33 24.11 -3.32
CA ILE B 398 -11.86 25.25 -2.55
C ILE B 398 -12.21 25.13 -1.07
N ALA B 399 -13.43 24.71 -0.77
CA ALA B 399 -13.86 24.54 0.61
C ALA B 399 -13.04 23.49 1.33
N ARG B 400 -12.44 22.58 0.56
CA ARG B 400 -11.64 21.52 1.15
C ARG B 400 -10.21 22.02 1.37
N ASP B 401 -9.73 22.86 0.46
CA ASP B 401 -8.31 23.22 0.41
C ASP B 401 -8.00 24.69 0.67
N LYS B 402 -8.99 25.46 1.13
CA LYS B 402 -8.83 26.90 1.31
C LYS B 402 -7.79 27.28 2.36
N ASN B 403 -7.53 26.37 3.30
CA ASN B 403 -6.63 26.64 4.40
C ASN B 403 -5.22 26.06 4.25
N HIS B 404 -4.97 25.38 3.13
CA HIS B 404 -3.66 24.80 2.88
C HIS B 404 -2.70 25.87 2.35
N PRO B 405 -1.67 26.23 3.14
CA PRO B 405 -0.73 27.26 2.66
C PRO B 405 0.07 26.84 1.43
N SER B 406 0.21 25.53 1.20
CA SER B 406 0.98 25.03 0.07
C SER B 406 0.30 25.35 -1.26
N VAL B 407 -1.03 25.36 -1.24
CA VAL B 407 -1.80 25.72 -2.43
C VAL B 407 -1.67 27.20 -2.66
N VAL B 408 -1.02 27.58 -3.75
CA VAL B 408 -0.80 28.99 -4.02
C VAL B 408 -1.66 29.52 -5.16
N MSE B 409 -2.29 28.62 -5.91
CA MSE B 409 -3.31 29.05 -6.87
C MSE B 409 -4.25 27.92 -7.26
O MSE B 409 -3.94 26.75 -7.09
CB MSE B 409 -2.68 29.64 -8.14
CG MSE B 409 -2.12 28.63 -9.13
SE MSE B 409 -1.08 29.49 -10.55
CE MSE B 409 0.67 29.49 -9.68
N TRP B 410 -5.41 28.30 -7.80
CA TRP B 410 -6.41 27.35 -8.27
C TRP B 410 -6.39 27.22 -9.78
N SER B 411 -6.36 25.99 -10.28
CA SER B 411 -6.54 25.73 -11.71
C SER B 411 -7.91 25.13 -11.93
N ILE B 412 -8.78 25.85 -12.63
CA ILE B 412 -10.18 25.45 -12.73
C ILE B 412 -10.45 24.54 -13.92
N ALA B 413 -9.49 24.44 -14.82
CA ALA B 413 -9.63 23.56 -15.98
C ALA B 413 -8.28 23.26 -16.63
N ASN B 414 -8.23 22.19 -17.40
CA ASN B 414 -7.01 21.83 -18.13
C ASN B 414 -7.28 21.57 -19.61
N GLU B 415 -6.69 22.41 -20.45
CA GLU B 415 -6.79 22.28 -21.91
C GLU B 415 -8.20 22.25 -22.49
N PRO B 416 -9.02 23.26 -22.17
CA PRO B 416 -10.30 23.27 -22.88
C PRO B 416 -10.15 23.86 -24.27
N ASP B 417 -10.95 23.41 -25.22
CA ASP B 417 -10.99 24.04 -26.54
C ASP B 417 -11.73 25.37 -26.43
N THR B 418 -11.03 26.46 -26.69
CA THR B 418 -11.60 27.80 -26.51
C THR B 418 -11.91 28.45 -27.85
N ARG B 419 -11.78 27.69 -28.93
CA ARG B 419 -12.08 28.16 -30.28
C ARG B 419 -13.58 28.12 -30.62
N PRO B 420 -14.31 27.07 -30.19
CA PRO B 420 -15.76 27.10 -30.44
C PRO B 420 -16.48 28.31 -29.84
N GLN B 421 -17.75 28.46 -30.22
CA GLN B 421 -18.47 29.70 -30.03
C GLN B 421 -18.90 29.99 -28.59
N GLY B 422 -19.30 28.96 -27.86
CA GLY B 422 -19.78 29.15 -26.50
C GLY B 422 -18.75 29.33 -25.40
N ALA B 423 -17.47 29.36 -25.77
CA ALA B 423 -16.38 29.26 -24.81
C ALA B 423 -16.30 30.37 -23.76
N ARG B 424 -16.18 31.63 -24.19
CA ARG B 424 -16.00 32.72 -23.25
C ARG B 424 -17.23 32.90 -22.37
N GLU B 425 -18.40 32.56 -22.90
CA GLU B 425 -19.64 32.64 -22.14
C GLU B 425 -19.67 31.58 -21.05
N TYR B 426 -18.99 30.47 -21.29
CA TYR B 426 -18.96 29.38 -20.33
C TYR B 426 -18.02 29.66 -19.15
N PHE B 427 -16.83 30.19 -19.45
CA PHE B 427 -15.77 30.24 -18.45
C PHE B 427 -15.76 31.52 -17.61
N ALA B 428 -16.15 32.65 -18.21
CA ALA B 428 -16.14 33.94 -17.51
C ALA B 428 -16.90 33.93 -16.17
N PRO B 429 -18.12 33.35 -16.12
CA PRO B 429 -18.75 33.27 -14.81
C PRO B 429 -17.97 32.40 -13.83
N LEU B 430 -17.46 31.27 -14.31
CA LEU B 430 -16.70 30.35 -13.47
C LEU B 430 -15.47 31.03 -12.89
N ALA B 431 -14.77 31.80 -13.72
CA ALA B 431 -13.59 32.51 -13.28
C ALA B 431 -13.90 33.52 -12.18
N GLU B 432 -15.07 34.15 -12.26
CA GLU B 432 -15.44 35.18 -11.29
C GLU B 432 -16.11 34.59 -10.05
N ALA B 433 -16.78 33.46 -10.22
CA ALA B 433 -17.36 32.76 -9.08
C ALA B 433 -16.24 32.23 -8.21
N THR B 434 -15.18 31.74 -8.85
CA THR B 434 -14.06 31.17 -8.13
C THR B 434 -13.34 32.28 -7.33
N ARG B 435 -13.19 33.46 -7.95
CA ARG B 435 -12.56 34.59 -7.27
C ARG B 435 -13.36 35.03 -6.05
N LYS B 436 -14.65 34.74 -6.06
CA LYS B 436 -15.51 35.11 -4.94
C LYS B 436 -15.42 34.06 -3.84
N LEU B 437 -15.11 32.82 -4.22
CA LEU B 437 -14.96 31.73 -3.28
C LEU B 437 -13.67 31.83 -2.48
N ASP B 438 -12.62 32.38 -3.10
CA ASP B 438 -11.37 32.62 -2.42
C ASP B 438 -10.55 33.70 -3.13
N PRO B 439 -10.63 34.94 -2.64
CA PRO B 439 -9.91 36.08 -3.23
C PRO B 439 -8.42 36.06 -2.90
N THR B 440 -8.04 35.23 -1.93
CA THR B 440 -6.68 35.19 -1.42
C THR B 440 -5.68 34.58 -2.39
N ARG B 441 -6.18 33.80 -3.35
CA ARG B 441 -5.30 33.10 -4.27
C ARG B 441 -5.51 33.48 -5.73
N PRO B 442 -4.39 33.63 -6.47
CA PRO B 442 -4.41 33.84 -7.93
C PRO B 442 -5.12 32.68 -8.64
N ILE B 443 -5.60 32.94 -9.85
CA ILE B 443 -6.46 31.97 -10.53
C ILE B 443 -5.96 31.70 -11.95
N THR B 444 -6.16 30.48 -12.43
CA THR B 444 -5.67 30.11 -13.75
C THR B 444 -6.52 29.05 -14.43
N CYS B 445 -6.28 28.90 -15.73
CA CYS B 445 -6.89 27.88 -16.55
C CYS B 445 -5.84 27.41 -17.55
N VAL B 446 -5.48 26.14 -17.48
CA VAL B 446 -4.33 25.63 -18.21
C VAL B 446 -4.60 25.53 -19.71
N ASN B 447 -3.76 26.20 -20.49
CA ASN B 447 -3.96 26.39 -21.93
C ASN B 447 -3.47 25.25 -22.82
N VAL B 448 -4.29 24.78 -23.75
CA VAL B 448 -3.84 23.88 -24.78
C VAL B 448 -3.11 24.63 -25.86
N MSE B 449 -2.06 24.07 -26.44
CA MSE B 449 -1.17 24.77 -27.35
C MSE B 449 -1.79 25.25 -28.61
O MSE B 449 -1.41 26.31 -29.11
CB MSE B 449 0.18 24.12 -27.67
CG MSE B 449 0.16 22.63 -27.95
SE MSE B 449 1.96 21.97 -28.28
CE MSE B 449 2.74 23.56 -29.04
N PHE B 450 -2.69 24.49 -29.21
CA PHE B 450 -3.33 24.93 -30.43
C PHE B 450 -4.20 26.18 -30.30
N CYS B 451 -4.82 26.38 -29.14
CA CYS B 451 -5.55 27.59 -28.81
C CYS B 451 -4.55 28.66 -28.38
N ASP B 452 -3.78 29.15 -29.34
CA ASP B 452 -2.70 30.08 -29.06
C ASP B 452 -3.20 31.50 -28.79
N ALA B 453 -2.25 32.42 -28.68
CA ALA B 453 -2.53 33.81 -28.32
C ALA B 453 -3.53 34.47 -29.27
N HIS B 454 -3.46 34.11 -30.55
CA HIS B 454 -4.34 34.69 -31.55
C HIS B 454 -5.76 34.13 -31.47
N THR B 455 -5.88 32.87 -31.08
CA THR B 455 -7.17 32.19 -31.16
C THR B 455 -7.84 31.99 -29.81
N ASP B 456 -7.06 32.00 -28.74
CA ASP B 456 -7.63 31.81 -27.40
C ASP B 456 -8.47 33.02 -27.02
N THR B 457 -9.58 32.78 -26.34
CA THR B 457 -10.52 33.85 -26.03
C THR B 457 -10.70 34.10 -24.52
N ILE B 458 -10.11 33.25 -23.68
CA ILE B 458 -10.42 33.31 -22.25
C ILE B 458 -9.27 33.65 -21.31
N SER B 459 -8.04 33.64 -21.79
CA SER B 459 -6.87 33.75 -20.91
C SER B 459 -6.80 35.08 -20.14
N ASP B 460 -7.35 36.14 -20.73
CA ASP B 460 -7.36 37.45 -20.09
C ASP B 460 -8.21 37.45 -18.81
N LEU B 461 -9.06 36.45 -18.69
CA LEU B 461 -9.95 36.32 -17.53
C LEU B 461 -9.25 35.72 -16.31
N PHE B 462 -7.97 35.42 -16.45
CA PHE B 462 -7.23 34.74 -15.39
C PHE B 462 -5.97 35.50 -15.00
N ASP B 463 -5.36 35.12 -13.88
CA ASP B 463 -4.26 35.87 -13.31
C ASP B 463 -2.89 35.39 -13.77
N VAL B 464 -2.77 34.09 -13.95
CA VAL B 464 -1.50 33.48 -14.33
C VAL B 464 -1.71 32.65 -15.58
N LEU B 465 -0.77 32.74 -16.52
CA LEU B 465 -0.86 31.98 -17.76
C LEU B 465 -0.12 30.66 -17.67
N CYS B 466 -0.86 29.56 -17.60
CA CYS B 466 -0.26 28.24 -17.56
C CYS B 466 -0.32 27.57 -18.93
N LEU B 467 0.84 27.32 -19.52
CA LEU B 467 0.92 26.78 -20.88
C LEU B 467 1.37 25.32 -20.92
N ASN B 468 0.52 24.48 -21.49
CA ASN B 468 0.92 23.11 -21.79
C ASN B 468 1.61 23.06 -23.14
N ARG B 469 2.88 22.75 -23.17
CA ARG B 469 3.60 22.64 -24.41
C ARG B 469 4.04 21.24 -24.80
N TYR B 470 3.49 20.22 -24.18
CA TYR B 470 3.89 18.88 -24.48
C TYR B 470 3.36 18.67 -25.85
N TYR B 471 3.88 17.74 -26.61
CA TYR B 471 3.35 17.49 -27.94
C TYR B 471 3.86 18.51 -28.91
N GLY B 472 4.74 19.36 -28.45
CA GLY B 472 5.46 20.25 -29.29
C GLY B 472 6.28 19.43 -30.24
N TRP B 473 6.77 18.30 -29.79
CA TRP B 473 7.57 17.45 -30.61
C TRP B 473 6.84 16.85 -31.77
N TYR B 474 5.56 16.68 -31.62
CA TYR B 474 4.70 16.14 -32.66
C TYR B 474 4.53 17.11 -33.82
N VAL B 475 4.10 18.33 -33.50
CA VAL B 475 3.77 19.32 -34.53
C VAL B 475 5.04 19.84 -35.21
N GLN B 476 6.17 19.70 -34.53
CA GLN B 476 7.42 20.25 -35.04
C GLN B 476 8.27 19.13 -35.65
N SER B 477 7.66 17.95 -35.76
CA SER B 477 8.30 16.78 -36.38
C SER B 477 9.63 16.41 -35.71
N GLY B 478 9.79 16.77 -34.45
CA GLY B 478 10.98 16.41 -33.70
C GLY B 478 12.19 17.29 -33.92
N ASP B 479 12.03 18.32 -34.74
CA ASP B 479 13.14 19.23 -35.03
C ASP B 479 13.35 20.19 -33.88
N LEU B 480 14.58 20.28 -33.42
CA LEU B 480 14.92 21.01 -32.20
C LEU B 480 15.01 22.52 -32.39
N GLU B 481 15.63 22.96 -33.48
CA GLU B 481 15.88 24.39 -33.61
C GLU B 481 14.75 25.14 -34.30
N THR B 482 13.87 24.42 -34.99
CA THR B 482 12.63 25.03 -35.44
C THR B 482 11.70 25.18 -34.23
N ALA B 483 11.71 24.16 -33.36
CA ALA B 483 10.88 24.17 -32.15
C ALA B 483 11.32 25.28 -31.21
N GLU B 484 12.62 25.48 -31.14
CA GLU B 484 13.22 26.52 -30.31
C GLU B 484 12.80 27.90 -30.82
N LYS B 485 12.72 28.04 -32.14
CA LYS B 485 12.33 29.33 -32.73
C LYS B 485 10.82 29.59 -32.66
N VAL B 486 10.02 28.55 -32.88
CA VAL B 486 8.57 28.65 -32.73
C VAL B 486 8.16 28.94 -31.30
N LEU B 487 8.78 28.21 -30.36
CA LEU B 487 8.45 28.35 -28.93
C LEU B 487 8.70 29.76 -28.42
N GLU B 488 9.89 30.29 -28.68
CA GLU B 488 10.25 31.60 -28.17
C GLU B 488 9.31 32.69 -28.65
N LYS B 489 8.86 32.58 -29.89
CA LYS B 489 7.98 33.62 -30.43
C LYS B 489 6.57 33.53 -29.88
N GLU B 490 6.11 32.30 -29.65
CA GLU B 490 4.78 32.12 -29.09
C GLU B 490 4.76 32.62 -27.66
N LEU B 491 5.85 32.39 -26.94
CA LEU B 491 5.96 32.86 -25.56
C LEU B 491 5.97 34.39 -25.53
N LEU B 492 6.73 34.99 -26.43
CA LEU B 492 6.76 36.46 -26.55
C LEU B 492 5.41 37.02 -27.00
N ALA B 493 4.74 36.30 -27.91
CA ALA B 493 3.42 36.70 -28.36
C ALA B 493 2.44 36.72 -27.20
N TRP B 494 2.55 35.71 -26.34
CA TRP B 494 1.73 35.65 -25.13
C TRP B 494 2.11 36.77 -24.15
N GLN B 495 3.38 37.16 -24.17
CA GLN B 495 3.87 38.20 -23.27
C GLN B 495 3.33 39.59 -23.65
N GLU B 496 3.04 39.79 -24.94
CA GLU B 496 2.54 41.08 -25.38
C GLU B 496 1.01 41.17 -25.29
N LYS B 497 0.36 40.07 -25.56
CA LYS B 497 -1.06 40.03 -25.42
C LYS B 497 -1.48 40.19 -24.00
N LEU B 498 -0.76 39.56 -23.09
CA LEU B 498 -1.28 39.48 -21.75
C LEU B 498 -0.53 40.06 -20.56
N HIS B 499 0.78 40.13 -20.61
CA HIS B 499 1.51 40.68 -19.50
C HIS B 499 1.12 39.99 -18.23
N GLN B 500 0.98 38.69 -18.33
CA GLN B 500 0.69 37.84 -17.20
C GLN B 500 1.93 37.06 -16.97
N PRO B 501 2.11 36.59 -15.66
CA PRO B 501 3.30 35.73 -15.51
C PRO B 501 3.10 34.34 -16.13
N ILE B 502 4.10 33.79 -16.79
CA ILE B 502 3.90 32.55 -17.52
C ILE B 502 4.54 31.33 -16.90
N ILE B 503 3.73 30.31 -16.68
CA ILE B 503 4.22 29.03 -16.22
C ILE B 503 4.01 27.99 -17.31
N ILE B 504 5.07 27.26 -17.66
CA ILE B 504 4.90 26.12 -18.54
C ILE B 504 4.60 24.92 -17.68
N THR B 505 3.35 24.46 -17.75
CA THR B 505 2.86 23.42 -16.84
C THR B 505 2.96 22.02 -17.42
N GLU B 506 3.32 21.93 -18.70
CA GLU B 506 3.60 20.64 -19.32
C GLU B 506 4.66 20.77 -20.40
N TYR B 507 5.78 20.05 -20.23
CA TYR B 507 6.74 19.88 -21.32
C TYR B 507 7.54 18.61 -21.12
N GLY B 508 7.90 17.97 -22.22
CA GLY B 508 8.61 16.70 -22.18
C GLY B 508 8.30 15.92 -23.44
N VAL B 509 8.75 14.67 -23.49
CA VAL B 509 8.49 13.82 -24.64
C VAL B 509 8.41 12.36 -24.21
N ASP B 510 7.65 11.56 -24.95
CA ASP B 510 7.51 10.14 -24.66
C ASP B 510 8.87 9.45 -24.78
N THR B 511 9.23 8.71 -23.74
CA THR B 511 10.56 8.13 -23.64
C THR B 511 10.51 6.71 -23.09
N LEU B 512 10.93 5.75 -23.91
CA LEU B 512 11.00 4.36 -23.50
C LEU B 512 12.23 4.16 -22.62
N ALA B 513 12.02 3.85 -21.34
CA ALA B 513 13.12 3.68 -20.41
C ALA B 513 14.08 2.58 -20.88
N GLY B 514 15.36 2.89 -20.89
CA GLY B 514 16.36 1.91 -21.26
C GLY B 514 16.73 1.97 -22.73
N LEU B 515 16.03 2.82 -23.48
CA LEU B 515 16.33 2.96 -24.89
C LEU B 515 17.42 3.99 -25.07
N HIS B 516 18.53 3.56 -25.67
CA HIS B 516 19.64 4.46 -25.92
C HIS B 516 19.92 4.56 -27.40
N SER B 517 20.35 5.72 -27.85
CA SER B 517 20.67 5.90 -29.26
C SER B 517 21.89 6.72 -29.51
N MSE B 518 22.71 6.34 -30.49
CA MSE B 518 23.77 7.21 -30.93
C MSE B 518 23.21 8.36 -31.72
O MSE B 518 23.89 9.35 -31.88
CB MSE B 518 24.85 6.51 -31.73
CG MSE B 518 25.75 5.63 -30.87
SE MSE B 518 26.81 6.56 -29.54
CE MSE B 518 27.89 7.62 -30.75
N TYR B 519 22.02 8.23 -32.26
CA TYR B 519 21.44 9.23 -33.10
C TYR B 519 20.56 10.25 -32.39
N THR B 520 20.41 10.09 -31.10
CA THR B 520 19.56 10.95 -30.27
C THR B 520 18.17 11.14 -30.85
N ASP B 521 17.55 10.04 -31.23
CA ASP B 521 16.24 10.01 -31.84
C ASP B 521 15.10 9.72 -30.91
N MSE B 522 13.89 9.79 -31.43
CA MSE B 522 12.71 9.70 -30.63
C MSE B 522 12.58 8.42 -29.87
O MSE B 522 12.84 7.33 -30.38
CB MSE B 522 11.49 9.72 -31.52
CG MSE B 522 10.74 11.01 -31.36
SE MSE B 522 9.49 11.12 -29.84
CE MSE B 522 8.34 9.63 -30.29
N TRP B 523 12.15 8.61 -28.63
CA TRP B 523 11.85 7.59 -27.64
C TRP B 523 13.03 7.22 -26.82
N SER B 524 14.20 7.63 -27.26
CA SER B 524 15.46 7.37 -26.56
C SER B 524 15.62 8.34 -25.40
N GLU B 525 16.38 7.92 -24.41
CA GLU B 525 16.63 8.74 -23.24
C GLU B 525 17.47 9.97 -23.59
N GLU B 526 18.33 9.82 -24.59
CA GLU B 526 19.21 10.92 -25.01
C GLU B 526 18.40 12.04 -25.65
N TYR B 527 17.35 11.66 -26.37
CA TYR B 527 16.48 12.65 -27.02
C TYR B 527 15.67 13.41 -25.99
N GLN B 528 15.18 12.70 -24.98
CA GLN B 528 14.40 13.31 -23.91
C GLN B 528 15.21 14.40 -23.21
N CYS B 529 16.49 14.12 -22.97
CA CYS B 529 17.35 15.10 -22.33
C CYS B 529 17.51 16.30 -23.25
N ALA B 530 17.73 16.03 -24.54
CA ALA B 530 17.90 17.10 -25.52
C ALA B 530 16.60 17.87 -25.73
N TRP B 531 15.46 17.18 -25.67
CA TRP B 531 14.18 17.87 -25.81
C TRP B 531 13.92 18.80 -24.61
N LEU B 532 14.20 18.33 -23.40
CA LEU B 532 13.99 19.15 -22.21
C LEU B 532 14.89 20.38 -22.17
N ASP B 533 16.13 20.20 -22.57
CA ASP B 533 17.10 21.25 -22.54
C ASP B 533 16.81 22.42 -23.47
N MSE B 534 16.25 22.14 -24.62
CA MSE B 534 15.86 23.20 -25.52
C MSE B 534 14.84 24.07 -24.86
O MSE B 534 14.98 25.27 -24.98
CB MSE B 534 15.50 22.69 -26.89
CG MSE B 534 14.05 22.32 -26.97
SE MSE B 534 13.04 23.78 -27.75
CE MSE B 534 11.31 22.94 -27.60
N TYR B 535 13.88 23.54 -24.11
CA TYR B 535 12.98 24.38 -23.37
C TYR B 535 13.65 25.26 -22.31
N HIS B 536 14.63 24.72 -21.62
CA HIS B 536 15.35 25.39 -20.56
C HIS B 536 16.09 26.61 -21.09
N ARG B 537 16.70 26.48 -22.26
CA ARG B 537 17.43 27.60 -22.86
C ARG B 537 16.48 28.75 -23.23
N VAL B 538 15.31 28.39 -23.73
CA VAL B 538 14.31 29.39 -24.12
C VAL B 538 13.71 30.05 -22.89
N PHE B 539 13.47 29.26 -21.84
CA PHE B 539 12.92 29.78 -20.59
C PHE B 539 13.84 30.86 -20.04
N ASP B 540 15.14 30.63 -20.14
CA ASP B 540 16.12 31.55 -19.59
C ASP B 540 16.26 32.78 -20.47
N ARG B 541 15.51 32.85 -21.55
CA ARG B 541 15.56 34.04 -22.39
C ARG B 541 14.28 34.84 -22.34
N VAL B 542 13.33 34.41 -21.53
CA VAL B 542 12.02 35.06 -21.47
C VAL B 542 11.68 35.51 -20.06
N SER B 543 11.62 36.83 -19.86
CA SER B 543 11.39 37.41 -18.54
C SER B 543 10.08 36.95 -17.91
N ALA B 544 9.07 36.73 -18.76
CA ALA B 544 7.74 36.41 -18.28
C ALA B 544 7.59 34.98 -17.76
N VAL B 545 8.50 34.10 -18.15
CA VAL B 545 8.44 32.73 -17.68
C VAL B 545 8.85 32.66 -16.21
N VAL B 546 7.94 32.19 -15.36
CA VAL B 546 8.20 32.12 -13.93
C VAL B 546 8.05 30.71 -13.38
N GLY B 547 7.96 29.73 -14.29
CA GLY B 547 7.80 28.36 -13.86
C GLY B 547 7.99 27.33 -14.95
N GLU B 548 8.59 26.21 -14.56
CA GLU B 548 8.77 25.08 -15.45
C GLU B 548 8.39 23.80 -14.73
N GLN B 549 7.35 23.15 -15.21
CA GLN B 549 6.93 21.89 -14.63
C GLN B 549 6.89 20.85 -15.74
N VAL B 550 7.67 19.79 -15.55
CA VAL B 550 7.86 18.77 -16.55
C VAL B 550 6.67 17.83 -16.59
N TRP B 551 6.31 17.40 -17.79
CA TRP B 551 5.33 16.35 -17.97
C TRP B 551 6.04 15.08 -18.45
N ASN B 552 5.93 13.98 -17.72
CA ASN B 552 5.26 13.86 -16.43
C ASN B 552 6.27 13.36 -15.38
N PHE B 553 5.88 13.34 -14.11
CA PHE B 553 6.76 12.81 -13.07
C PHE B 553 7.14 11.36 -13.34
N ALA B 554 6.14 10.53 -13.61
CA ALA B 554 6.37 9.11 -13.86
C ALA B 554 5.42 8.57 -14.91
N ASP B 555 5.82 7.47 -15.55
CA ASP B 555 4.96 6.76 -16.49
C ASP B 555 3.65 6.42 -15.80
N PHE B 556 2.53 6.66 -16.48
CA PHE B 556 1.23 6.36 -15.92
C PHE B 556 0.37 5.65 -16.95
N ALA B 557 -0.65 4.95 -16.48
CA ALA B 557 -1.55 4.24 -17.36
C ALA B 557 -2.46 5.23 -18.07
N THR B 558 -2.70 4.97 -19.36
CA THR B 558 -3.48 5.87 -20.19
C THR B 558 -4.71 5.15 -20.72
N SER B 559 -5.61 5.91 -21.32
CA SER B 559 -6.74 5.32 -22.02
C SER B 559 -6.22 4.59 -23.27
N GLN B 560 -7.08 3.78 -23.88
CA GLN B 560 -6.67 2.97 -25.03
C GLN B 560 -6.19 3.84 -26.17
N GLY B 561 -6.95 4.91 -26.44
CA GLY B 561 -6.61 5.87 -27.48
C GLY B 561 -5.18 6.37 -27.44
N ILE B 562 -4.75 6.86 -26.27
CA ILE B 562 -3.37 7.30 -26.11
C ILE B 562 -2.40 6.13 -26.23
N LEU B 563 -2.75 5.02 -25.60
CA LEU B 563 -1.88 3.85 -25.64
C LEU B 563 -1.81 3.22 -27.06
N ARG B 564 -2.78 3.51 -27.93
CA ARG B 564 -2.74 3.04 -29.33
C ARG B 564 -1.62 3.74 -30.12
N VAL B 565 -1.33 4.98 -29.75
CA VAL B 565 -0.10 5.64 -30.18
C VAL B 565 1.02 5.29 -29.19
N GLY B 566 0.63 4.68 -28.08
CA GLY B 566 1.57 4.16 -27.09
C GLY B 566 2.30 5.23 -26.32
N GLY B 567 1.53 6.16 -25.80
CA GLY B 567 2.08 7.27 -25.04
C GLY B 567 1.94 7.11 -23.54
N ASN B 568 2.25 5.93 -23.02
CA ASN B 568 2.17 5.72 -21.58
C ASN B 568 3.57 5.75 -20.97
N LYS B 569 4.49 6.38 -21.68
CA LYS B 569 5.87 6.50 -21.23
C LYS B 569 6.28 7.96 -21.21
N LYS B 570 5.51 8.75 -20.47
CA LYS B 570 5.68 10.19 -20.43
C LYS B 570 6.51 10.64 -19.24
N GLY B 571 6.93 9.67 -18.43
CA GLY B 571 7.60 9.98 -17.18
C GLY B 571 9.06 10.34 -17.26
N ILE B 572 9.52 11.06 -16.24
CA ILE B 572 10.94 11.25 -15.98
C ILE B 572 11.40 9.99 -15.28
N PHE B 573 10.49 9.42 -14.49
CA PHE B 573 10.71 8.14 -13.84
C PHE B 573 9.76 7.11 -14.43
N THR B 574 10.09 5.83 -14.29
CA THR B 574 9.20 4.76 -14.71
C THR B 574 8.07 4.61 -13.69
N ARG B 575 7.14 3.71 -13.96
CA ARG B 575 6.03 3.49 -13.04
C ARG B 575 6.49 2.86 -11.73
N ASP B 576 7.55 2.07 -11.78
CA ASP B 576 8.10 1.52 -10.54
C ASP B 576 9.18 2.45 -10.01
N ARG B 577 9.16 3.68 -10.52
CA ARG B 577 9.96 4.77 -9.98
C ARG B 577 11.45 4.66 -10.25
N LYS B 578 11.84 4.00 -11.33
CA LYS B 578 13.25 3.97 -11.72
C LYS B 578 13.54 5.18 -12.60
N PRO B 579 14.71 5.80 -12.41
CA PRO B 579 15.01 7.06 -13.11
C PRO B 579 15.44 6.88 -14.57
N LYS B 580 14.94 7.73 -15.45
CA LYS B 580 15.49 7.83 -16.79
C LYS B 580 16.63 8.84 -16.75
N SER B 581 17.44 8.93 -17.81
CA SER B 581 18.63 9.76 -17.76
C SER B 581 18.31 11.25 -17.58
N ALA B 582 17.07 11.62 -17.90
CA ALA B 582 16.63 13.01 -17.76
C ALA B 582 16.45 13.40 -16.30
N ALA B 583 16.27 12.39 -15.44
CA ALA B 583 16.12 12.63 -14.00
C ALA B 583 17.37 13.31 -13.46
N PHE B 584 18.51 12.94 -14.02
CA PHE B 584 19.79 13.48 -13.56
C PHE B 584 20.08 14.83 -14.19
N LEU B 585 19.50 15.08 -15.36
CA LEU B 585 19.67 16.38 -16.00
C LEU B 585 18.90 17.45 -15.23
N LEU B 586 17.68 17.12 -14.83
CA LEU B 586 16.83 18.07 -14.13
C LEU B 586 17.39 18.37 -12.75
N GLN B 587 17.92 17.34 -12.12
CA GLN B 587 18.51 17.47 -10.80
C GLN B 587 19.66 18.47 -10.79
N LYS B 588 20.51 18.39 -11.81
CA LYS B 588 21.66 19.28 -11.90
C LYS B 588 21.22 20.71 -12.17
N ARG B 589 20.19 20.86 -13.01
CA ARG B 589 19.67 22.18 -13.31
C ARG B 589 18.94 22.77 -12.10
N TRP B 590 18.07 21.96 -11.51
CA TRP B 590 17.21 22.45 -10.43
C TRP B 590 17.93 22.67 -9.11
N THR B 591 18.94 21.84 -8.82
CA THR B 591 19.73 22.04 -7.61
C THR B 591 20.85 23.06 -7.86
N GLY B 592 21.16 23.27 -9.13
CA GLY B 592 22.20 24.21 -9.51
C GLY B 592 21.76 25.67 -9.42
N MSE B 593 20.47 25.94 -9.57
CA MSE B 593 19.99 27.31 -9.45
C MSE B 593 19.73 27.66 -8.00
O MSE B 593 19.46 26.79 -7.17
CB MSE B 593 18.73 27.54 -10.30
CG MSE B 593 17.49 26.79 -9.83
SE MSE B 593 16.00 27.00 -11.08
CE MSE B 593 16.49 25.65 -12.37
N ASN B 594 19.83 28.95 -7.68
CA ASN B 594 19.51 29.42 -6.35
C ASN B 594 18.04 29.15 -6.08
N PHE B 595 17.72 28.69 -4.87
CA PHE B 595 16.36 28.25 -4.56
C PHE B 595 15.31 29.32 -4.83
N GLY B 596 14.32 28.96 -5.65
CA GLY B 596 13.20 29.83 -5.94
C GLY B 596 13.61 31.02 -6.80
N GLU B 597 14.80 30.96 -7.36
CA GLU B 597 15.31 32.05 -8.18
C GLU B 597 15.41 31.68 -9.64
N LYS B 598 14.69 32.43 -10.47
CA LYS B 598 14.80 32.31 -11.91
C LYS B 598 16.24 32.59 -12.30
N PRO B 599 16.79 31.79 -13.22
CA PRO B 599 18.16 32.06 -13.67
C PRO B 599 18.25 33.41 -14.37
N GLN B 600 19.40 34.05 -14.26
CA GLN B 600 19.60 35.32 -14.92
C GLN B 600 19.54 35.12 -16.42
N GLN B 601 19.18 36.20 -17.11
CA GLN B 601 18.98 36.19 -18.55
C GLN B 601 20.23 35.74 -19.31
N GLY B 602 20.12 34.55 -19.91
CA GLY B 602 21.26 33.86 -20.52
C GLY B 602 21.40 32.41 -20.07
N GLY B 603 20.96 32.14 -18.84
CA GLY B 603 21.03 30.79 -18.29
C GLY B 603 22.37 30.45 -17.66
OAC 57Z C . 29.69 -23.53 -4.61
CAY 57Z C . 28.72 -23.07 -5.51
NAR 57Z C . 28.97 -21.94 -6.30
CBA 57Z C . 27.94 -21.35 -7.08
CAV 57Z C . 27.73 -20.06 -7.91
CAB 57Z C . 28.90 -19.08 -7.96
CAK 57Z C . 26.58 -19.74 -8.60
CAT 57Z C . 25.60 -20.51 -8.57
CAA 57Z C . 24.37 -20.06 -9.36
CAL 57Z C . 25.53 -21.59 -7.98
CAZ 57Z C . 26.57 -22.11 -7.24
CAM 57Z C . 26.48 -23.36 -6.55
CAX 57Z C . 27.43 -23.79 -5.62
CAP 57Z C . 27.20 -25.07 -4.75
NBB 57Z C . 26.07 -25.83 -5.26
CAO 57Z C . 26.29 -26.95 -6.13
CAN 57Z C . 26.22 -28.27 -5.32
OAD 57Z C . 27.21 -29.18 -5.79
CAS 57Z C . 24.73 -25.44 -4.84
SAF 57Z C . 23.42 -26.30 -5.41
NAQ 57Z C . 24.65 -24.29 -3.97
CAW 57Z C . 23.44 -23.70 -3.42
CAI 57Z C . 23.37 -22.30 -3.33
CAG 57Z C . 22.24 -21.69 -2.81
CAU 57Z C . 21.17 -22.46 -2.38
OAE 57Z C . 20.02 -21.84 -1.84
CAH 57Z C . 21.23 -23.84 -2.47
CAJ 57Z C . 22.37 -24.47 -2.97
OAC 57Z D . -4.70 16.01 -34.59
CAY 57Z D . -3.73 15.47 -33.72
NAR 57Z D . -3.46 14.10 -33.76
CBA 57Z D . -2.36 13.56 -33.04
CAV 57Z D . -1.70 12.16 -32.83
CAB 57Z D . -2.33 10.96 -33.56
CAK 57Z D . -0.59 11.92 -32.03
CAT 57Z D . -0.04 12.85 -31.42
CAA 57Z D . 1.17 12.49 -30.58
CAL 57Z D . -0.38 14.04 -31.44
CAZ 57Z D . -1.47 14.50 -32.17
CAM 57Z D . -1.84 15.89 -32.18
CAX 57Z D . -3.01 16.35 -32.77
CAP 57Z D . -3.50 17.80 -32.55
NBB 57Z D . -2.46 18.61 -31.96
CAO 57Z D . -1.63 19.44 -32.80
CAN 57Z D . -2.23 20.85 -32.93
OAD 57Z D . -1.52 21.73 -32.07
CAS 57Z D . -2.26 18.58 -30.51
SAF 57Z D . -1.05 19.50 -29.81
NAQ 57Z D . -3.15 17.71 -29.77
CAW 57Z D . -3.16 17.49 -28.32
CAI 57Z D . -3.44 16.20 -27.86
CAG 57Z D . -3.46 15.94 -26.48
CAU 57Z D . -3.22 16.96 -25.58
OAE 57Z D . -3.25 16.71 -24.18
CAH 57Z D . -2.95 18.25 -26.04
CAJ 57Z D . -2.94 18.51 -27.41
#